data_7XPC
#
_entry.id   7XPC
#
_cell.length_a   131.285
_cell.length_b   131.285
_cell.length_c   121.968
_cell.angle_alpha   90.000
_cell.angle_beta   90.000
_cell.angle_gamma   120.000
#
_symmetry.space_group_name_H-M   'P 63'
#
loop_
_entity.id
_entity.type
_entity.pdbx_description
1 polymer 'D-glycerate-3-kinase (GLYK)'
2 polymer 'RxLR effector protein Avr-vnt11'
#
loop_
_entity_poly.entity_id
_entity_poly.type
_entity_poly.pdbx_seq_one_letter_code
_entity_poly.pdbx_strand_id
1 'polypeptide(L)'
;SSVDD(MSE)YDFICSGPLISKIGLTPEKVAESIDEWIEYGLRLCRLFQLNQLSLNEAQKIRIYHYYIPVF(MSE)WCEQ
EISQHSSKFKEEEEIPPLVIGFSAPQGCGKTTLVFALEYLFKITGRKAAT(MSE)SIDDFYLTAEEQAKLRDSNPGNLLL
EFRGNAGSHDLPFSVET(MSE)TALSKLTKEGVKVKLPRYDKSAYSGRGDRADPSEWPEVEGPLPVILFEGW(MSE)LGF
KPLPPEVVKAVDPQLETINKN(MSE)EAYYDAWHKYVKSWIVIKIQDPSYVYQWRLQAEIA(MSE)RADGKPG(MSE)SD
EEVKDFVSRY(MSE)PAYKAYLPTLYSEGPSGSDPKHVLLIDIDEGRNPILGC
;
A,C
2 'polypeptide(L)'
;STQNLGNSLMRVFSKEATRKYYLDLFKRADFTANLPKLAKKGGPDRLNDALKKLRKAGISEEKFAELKGAAAKYADDWYR
IYGK
;
B,D
#
# COMPACT_ATOMS: atom_id res chain seq x y z
N SER A 1 4.54 15.98 -13.34
CA SER A 1 3.76 16.88 -12.49
C SER A 1 4.52 18.18 -12.23
N SER A 2 4.24 19.19 -13.04
CA SER A 2 4.86 20.49 -12.88
C SER A 2 4.18 21.26 -11.75
N VAL A 3 4.76 22.42 -11.41
CA VAL A 3 4.22 23.26 -10.34
C VAL A 3 2.77 23.62 -10.64
N ASP A 4 2.50 24.04 -11.87
CA ASP A 4 1.14 24.44 -12.23
C ASP A 4 0.17 23.29 -12.03
N ASP A 5 0.51 22.11 -12.59
CA ASP A 5 -0.34 20.94 -12.45
C ASP A 5 -0.70 20.71 -11.00
N MSE A 6 0.30 20.75 -10.13
CA MSE A 6 0.11 20.43 -8.73
C MSE A 6 -0.86 21.42 -8.14
O MSE A 6 -1.78 21.04 -7.41
CB MSE A 6 1.44 20.45 -7.99
CG MSE A 6 2.43 19.43 -8.51
SE MSE A 6 1.62 17.68 -8.49
CE MSE A 6 1.48 17.47 -6.58
N TYR A 7 -0.67 22.70 -8.49
CA TYR A 7 -1.63 23.74 -8.11
C TYR A 7 -3.05 23.27 -8.40
N ASP A 8 -3.31 22.95 -9.67
CA ASP A 8 -4.63 22.46 -10.07
C ASP A 8 -5.05 21.30 -9.19
N PHE A 9 -4.16 20.32 -9.03
CA PHE A 9 -4.49 19.14 -8.23
C PHE A 9 -4.84 19.56 -6.82
N ILE A 10 -4.02 20.44 -6.23
CA ILE A 10 -4.29 20.92 -4.88
C ILE A 10 -5.67 21.56 -4.82
N CYS A 11 -6.01 22.36 -5.84
CA CYS A 11 -7.27 23.08 -5.80
C CYS A 11 -8.48 22.17 -5.97
N SER A 12 -8.28 20.94 -6.44
CA SER A 12 -9.41 20.03 -6.62
C SER A 12 -9.61 19.10 -5.43
N GLY A 13 -8.81 19.25 -4.38
CA GLY A 13 -8.93 18.44 -3.19
C GLY A 13 -10.23 18.70 -2.45
N PRO A 14 -10.72 17.67 -1.75
CA PRO A 14 -12.00 17.82 -1.02
C PRO A 14 -11.91 18.66 0.24
N LEU A 15 -10.74 19.18 0.60
CA LEU A 15 -10.57 19.91 1.84
C LEU A 15 -10.17 21.37 1.64
N ILE A 16 -9.94 21.81 0.40
CA ILE A 16 -9.62 23.21 0.15
C ILE A 16 -10.78 24.11 0.59
N SER A 17 -12.01 23.72 0.25
CA SER A 17 -13.17 24.48 0.70
C SER A 17 -13.29 24.46 2.22
N LYS A 18 -12.78 23.42 2.86
CA LYS A 18 -13.12 23.12 4.25
C LYS A 18 -12.12 23.66 5.25
N ILE A 19 -10.90 24.04 4.83
CA ILE A 19 -9.95 24.69 5.72
C ILE A 19 -9.99 26.20 5.59
N GLY A 20 -10.88 26.74 4.75
CA GLY A 20 -10.99 28.18 4.56
C GLY A 20 -10.06 28.78 3.55
N LEU A 21 -9.32 27.96 2.80
CA LEU A 21 -8.32 28.44 1.87
C LEU A 21 -8.95 28.66 0.49
N THR A 22 -8.27 29.43 -0.34
CA THR A 22 -8.81 29.89 -1.61
C THR A 22 -7.78 29.74 -2.71
N PRO A 23 -8.20 29.78 -3.98
CA PRO A 23 -7.23 29.70 -5.08
C PRO A 23 -6.12 30.74 -5.02
N GLU A 24 -6.45 31.99 -4.64
CA GLU A 24 -5.39 32.97 -4.48
C GLU A 24 -4.42 32.58 -3.38
N LYS A 25 -4.94 32.10 -2.24
CA LYS A 25 -4.06 31.72 -1.15
C LYS A 25 -3.19 30.54 -1.54
N VAL A 26 -3.74 29.59 -2.30
CA VAL A 26 -2.95 28.47 -2.82
C VAL A 26 -1.86 28.98 -3.75
N ALA A 27 -2.20 29.92 -4.64
CA ALA A 27 -1.19 30.47 -5.54
C ALA A 27 -0.10 31.20 -4.77
N GLU A 28 -0.47 31.93 -3.72
CA GLU A 28 0.46 32.73 -2.95
C GLU A 28 1.33 31.90 -2.01
N SER A 29 0.88 30.70 -1.63
CA SER A 29 1.67 29.82 -0.77
C SER A 29 2.05 28.51 -1.47
N ILE A 30 2.03 28.49 -2.81
CA ILE A 30 2.41 27.30 -3.56
C ILE A 30 3.85 26.89 -3.26
N ASP A 31 4.73 27.85 -2.97
CA ASP A 31 6.09 27.49 -2.55
C ASP A 31 6.07 26.68 -1.27
N GLU A 32 5.28 27.11 -0.28
CA GLU A 32 5.11 26.34 0.94
C GLU A 32 4.54 24.96 0.66
N TRP A 33 3.53 24.90 -0.22
CA TRP A 33 2.93 23.62 -0.58
C TRP A 33 3.97 22.66 -1.14
N ILE A 34 4.79 23.13 -2.08
CA ILE A 34 5.74 22.23 -2.74
C ILE A 34 6.87 21.84 -1.79
N GLU A 35 7.32 22.77 -0.94
CA GLU A 35 8.34 22.40 0.04
C GLU A 35 7.80 21.37 1.04
N TYR A 36 6.55 21.54 1.48
CA TYR A 36 5.94 20.55 2.36
C TYR A 36 5.80 19.21 1.66
N GLY A 37 5.47 19.24 0.36
CA GLY A 37 5.41 17.99 -0.39
C GLY A 37 6.75 17.29 -0.50
N LEU A 38 7.82 18.06 -0.73
CA LEU A 38 9.17 17.51 -0.71
C LEU A 38 9.47 16.84 0.64
N ARG A 39 9.17 17.56 1.73
CA ARG A 39 9.47 17.03 3.06
C ARG A 39 8.68 15.77 3.34
N LEU A 40 7.40 15.73 2.96
CA LEU A 40 6.60 14.54 3.20
C LEU A 40 7.04 13.37 2.31
N CYS A 41 7.46 13.66 1.08
CA CYS A 41 7.98 12.61 0.20
C CYS A 41 9.23 11.99 0.81
N ARG A 42 10.13 12.80 1.34
CA ARG A 42 11.30 12.23 2.01
C ARG A 42 10.92 11.52 3.32
N LEU A 43 9.91 12.02 4.03
CA LEU A 43 9.48 11.38 5.26
C LEU A 43 8.96 9.96 5.02
N PHE A 44 8.60 9.65 3.78
CA PHE A 44 8.14 8.32 3.41
C PHE A 44 9.00 7.71 2.32
N GLN A 45 10.12 8.36 1.98
CA GLN A 45 11.03 7.95 0.91
C GLN A 45 10.35 7.92 -0.45
N LEU A 46 9.26 8.65 -0.60
CA LEU A 46 8.59 8.74 -1.89
C LEU A 46 9.43 9.57 -2.85
N ASN A 47 8.93 9.72 -4.08
CA ASN A 47 9.75 10.18 -5.19
C ASN A 47 9.45 11.60 -5.63
N GLN A 48 8.32 12.19 -5.21
CA GLN A 48 7.81 13.43 -5.77
C GLN A 48 7.50 13.27 -7.26
N LEU A 49 8.53 13.01 -8.07
CA LEU A 49 8.39 12.93 -9.51
C LEU A 49 7.80 11.60 -9.98
N SER A 50 7.63 10.62 -9.10
CA SER A 50 7.11 9.30 -9.48
C SER A 50 5.99 8.86 -8.54
N LEU A 51 5.06 9.76 -8.26
CA LEU A 51 3.98 9.47 -7.33
C LEU A 51 2.76 8.95 -8.08
N ASN A 52 2.23 7.82 -7.62
CA ASN A 52 0.94 7.35 -8.09
C ASN A 52 -0.17 8.12 -7.38
N GLU A 53 -1.39 7.99 -7.93
CA GLU A 53 -2.50 8.84 -7.50
C GLU A 53 -2.76 8.75 -5.99
N ALA A 54 -2.59 7.57 -5.40
CA ALA A 54 -2.83 7.44 -3.96
C ALA A 54 -1.87 8.30 -3.14
N GLN A 55 -0.58 8.28 -3.51
CA GLN A 55 0.41 9.08 -2.79
C GLN A 55 0.13 10.57 -2.95
N LYS A 56 -0.17 11.00 -4.18
CA LYS A 56 -0.49 12.40 -4.42
C LYS A 56 -1.72 12.83 -3.63
N ILE A 57 -2.74 11.98 -3.58
CA ILE A 57 -3.94 12.30 -2.83
C ILE A 57 -3.63 12.45 -1.34
N ARG A 58 -2.86 11.51 -0.78
CA ARG A 58 -2.48 11.67 0.62
C ARG A 58 -1.77 12.99 0.86
N ILE A 59 -0.73 13.25 0.07
CA ILE A 59 0.16 14.38 0.36
C ILE A 59 -0.60 15.70 0.20
N TYR A 60 -1.28 15.86 -0.93
CA TYR A 60 -1.77 17.17 -1.35
C TYR A 60 -3.26 17.37 -1.13
N HIS A 61 -4.01 16.29 -0.88
CA HIS A 61 -5.41 16.39 -0.55
C HIS A 61 -5.73 16.04 0.89
N TYR A 62 -4.82 15.32 1.57
CA TYR A 62 -5.09 14.84 2.92
C TYR A 62 -4.14 15.44 3.96
N TYR A 63 -2.83 15.29 3.80
CA TYR A 63 -1.91 15.68 4.88
C TYR A 63 -1.74 17.19 4.97
N ILE A 64 -1.28 17.82 3.86
CA ILE A 64 -0.94 19.25 3.91
C ILE A 64 -2.13 20.12 4.25
N PRO A 65 -3.33 19.92 3.68
CA PRO A 65 -4.48 20.74 4.12
C PRO A 65 -4.76 20.64 5.61
N VAL A 66 -4.63 19.44 6.19
CA VAL A 66 -4.85 19.28 7.62
C VAL A 66 -3.78 20.01 8.41
N PHE A 67 -2.53 19.94 7.96
CA PHE A 67 -1.47 20.72 8.59
C PHE A 67 -1.76 22.21 8.54
N MSE A 68 -2.25 22.69 7.40
CA MSE A 68 -2.59 24.10 7.25
C MSE A 68 -3.69 24.50 8.23
O MSE A 68 -3.59 25.54 8.90
CB MSE A 68 -3.03 24.39 5.81
CG MSE A 68 -1.95 24.18 4.77
SE MSE A 68 -0.35 25.24 5.08
CE MSE A 68 0.12 25.60 3.23
N TRP A 69 -4.71 23.66 8.33
CA TRP A 69 -5.81 23.93 9.25
C TRP A 69 -5.34 23.98 10.70
N CYS A 70 -4.51 23.00 11.09
CA CYS A 70 -4.01 22.95 12.46
C CYS A 70 -3.13 24.16 12.77
N GLU A 71 -2.25 24.55 11.85
CA GLU A 71 -1.42 25.72 12.08
C GLU A 71 -2.26 26.99 12.17
N GLN A 72 -3.33 27.09 11.36
CA GLN A 72 -4.23 28.23 11.50
C GLN A 72 -4.90 28.24 12.86
N GLU A 73 -5.28 27.06 13.36
CA GLU A 73 -5.89 26.99 14.68
C GLU A 73 -4.92 27.44 15.77
N ILE A 74 -3.65 27.03 15.67
CA ILE A 74 -2.65 27.52 16.63
C ILE A 74 -2.43 29.02 16.48
N SER A 75 -2.49 29.52 15.24
CA SER A 75 -2.33 30.96 15.03
C SER A 75 -3.42 31.74 15.75
N GLN A 76 -4.68 31.34 15.55
CA GLN A 76 -5.79 32.01 16.22
C GLN A 76 -5.78 31.76 17.73
N HIS A 77 -5.18 30.64 18.16
CA HIS A 77 -4.99 30.39 19.59
C HIS A 77 -4.03 31.40 20.21
N SER A 78 -2.86 31.56 19.60
CA SER A 78 -1.84 32.43 20.18
C SER A 78 -2.13 33.91 19.95
N SER A 79 -3.04 34.24 19.03
CA SER A 79 -3.39 35.64 18.83
C SER A 79 -4.21 36.22 19.99
N LYS A 80 -4.62 35.39 20.95
CA LYS A 80 -5.52 35.80 22.02
C LYS A 80 -4.79 36.24 23.29
N PHE A 81 -3.47 36.37 23.26
CA PHE A 81 -2.71 36.72 24.45
C PHE A 81 -1.74 37.85 24.09
N LYS A 82 -1.16 38.50 25.10
CA LYS A 82 -0.27 39.65 24.92
C LYS A 82 1.19 39.26 25.15
N GLU A 83 2.07 40.25 24.98
CA GLU A 83 3.49 40.04 25.24
C GLU A 83 3.72 39.67 26.68
N GLU A 84 4.61 38.69 26.90
CA GLU A 84 4.97 38.14 28.20
C GLU A 84 3.84 37.30 28.79
N GLU A 85 2.67 37.33 28.15
CA GLU A 85 1.56 36.47 28.56
C GLU A 85 1.83 35.07 28.03
N GLU A 86 2.06 34.14 28.95
CA GLU A 86 2.46 32.80 28.54
C GLU A 86 1.31 32.11 27.81
N ILE A 87 1.67 31.39 26.74
CA ILE A 87 0.71 30.76 25.84
C ILE A 87 0.51 29.32 26.32
N PRO A 88 -0.70 28.92 26.69
CA PRO A 88 -0.93 27.52 27.00
C PRO A 88 -0.84 26.67 25.74
N PRO A 89 -0.39 25.42 25.86
CA PRO A 89 -0.39 24.52 24.70
C PRO A 89 -1.79 24.30 24.18
N LEU A 90 -1.88 24.16 22.85
CA LEU A 90 -3.15 23.87 22.18
C LEU A 90 -3.24 22.39 21.92
N VAL A 91 -4.31 21.76 22.40
CA VAL A 91 -4.50 20.32 22.28
C VAL A 91 -5.53 20.06 21.19
N ILE A 92 -5.09 19.41 20.11
CA ILE A 92 -5.94 19.09 18.98
C ILE A 92 -6.26 17.60 19.04
N GLY A 93 -7.54 17.28 19.15
CA GLY A 93 -7.98 15.92 19.34
C GLY A 93 -8.47 15.31 18.04
N PHE A 94 -8.03 14.09 17.78
CA PHE A 94 -8.31 13.39 16.52
C PHE A 94 -9.26 12.23 16.83
N SER A 95 -10.52 12.39 16.44
CA SER A 95 -11.55 11.37 16.67
C SER A 95 -11.73 10.58 15.39
N ALA A 96 -11.08 9.42 15.32
CA ALA A 96 -11.15 8.58 14.14
C ALA A 96 -11.10 7.12 14.58
N PRO A 97 -11.75 6.22 13.84
CA PRO A 97 -11.68 4.80 14.19
C PRO A 97 -10.31 4.18 13.93
N GLN A 98 -10.19 2.88 14.16
CA GLN A 98 -8.91 2.20 14.12
C GLN A 98 -8.49 1.90 12.69
N GLY A 99 -7.20 2.07 12.41
CA GLY A 99 -6.60 1.67 11.15
C GLY A 99 -7.09 2.42 9.93
N CYS A 100 -7.34 3.72 10.07
CA CYS A 100 -7.87 4.54 8.99
C CYS A 100 -6.91 5.67 8.63
N GLY A 101 -5.61 5.38 8.71
CA GLY A 101 -4.61 6.42 8.54
C GLY A 101 -4.54 7.43 9.67
N LYS A 102 -5.43 7.32 10.66
CA LYS A 102 -5.41 8.18 11.84
C LYS A 102 -4.02 8.26 12.44
N THR A 103 -3.37 7.11 12.61
CA THR A 103 -2.08 7.07 13.29
C THR A 103 -0.97 7.66 12.43
N THR A 104 -0.89 7.24 11.16
CA THR A 104 0.17 7.74 10.29
C THR A 104 -0.05 9.21 9.93
N LEU A 105 -1.30 9.65 9.95
CA LEU A 105 -1.59 11.08 9.78
C LEU A 105 -0.87 11.92 10.83
N VAL A 106 -1.10 11.62 12.11
CA VAL A 106 -0.50 12.39 13.19
C VAL A 106 1.02 12.31 13.13
N PHE A 107 1.55 11.16 12.69
CA PHE A 107 2.98 11.06 12.45
C PHE A 107 3.43 12.06 11.38
N ALA A 108 2.63 12.21 10.32
CA ALA A 108 2.95 13.21 9.30
C ALA A 108 2.69 14.62 9.80
N LEU A 109 1.58 14.83 10.51
CA LEU A 109 1.27 16.15 11.05
C LEU A 109 2.35 16.63 12.01
N GLU A 110 2.72 15.77 12.97
CA GLU A 110 3.75 16.15 13.93
C GLU A 110 5.04 16.55 13.25
N TYR A 111 5.38 15.86 12.15
CA TYR A 111 6.66 16.11 11.49
C TYR A 111 6.72 17.52 10.91
N LEU A 112 5.64 17.99 10.29
CA LEU A 112 5.65 19.31 9.67
C LEU A 112 5.69 20.42 10.71
N PHE A 113 5.06 20.22 11.87
CA PHE A 113 5.16 21.21 12.94
C PHE A 113 6.61 21.37 13.39
N LYS A 114 7.34 20.26 13.51
CA LYS A 114 8.75 20.32 13.86
C LYS A 114 9.52 21.14 12.83
N ILE A 115 9.24 20.91 11.55
CA ILE A 115 9.95 21.61 10.48
C ILE A 115 9.64 23.10 10.54
N THR A 116 8.38 23.46 10.76
CA THR A 116 7.94 24.85 10.74
C THR A 116 7.98 25.52 12.11
N GLY A 117 8.83 25.04 13.01
CA GLY A 117 9.09 25.74 14.27
C GLY A 117 7.96 25.79 15.28
N ARG A 118 7.21 24.70 15.43
CA ARG A 118 6.31 24.52 16.56
C ARG A 118 6.54 23.14 17.15
N LYS A 119 7.09 23.11 18.37
CA LYS A 119 7.35 21.86 19.07
C LYS A 119 6.06 21.05 19.19
N ALA A 120 6.13 19.79 18.82
CA ALA A 120 4.96 18.93 18.73
C ALA A 120 5.14 17.70 19.60
N ALA A 121 4.05 17.29 20.26
CA ALA A 121 4.04 16.11 21.11
C ALA A 121 2.80 15.29 20.79
N THR A 122 2.96 13.97 20.67
CA THR A 122 1.89 13.07 20.30
C THR A 122 1.54 12.16 21.48
N MSE A 123 0.25 12.10 21.78
CA MSE A 123 -0.26 11.19 22.80
C MSE A 123 -1.54 10.50 22.33
O MSE A 123 -2.56 11.15 22.12
CB MSE A 123 -0.52 11.94 24.11
CG MSE A 123 0.73 12.36 24.83
SE MSE A 123 1.80 10.79 25.21
CE MSE A 123 0.56 9.95 26.45
N SER A 124 -1.47 9.18 22.16
CA SER A 124 -2.66 8.40 21.93
C SER A 124 -3.42 8.18 23.24
N ILE A 125 -4.74 8.00 23.13
CA ILE A 125 -5.51 7.66 24.32
C ILE A 125 -5.06 6.31 24.87
N ASP A 126 -4.59 5.41 23.99
CA ASP A 126 -4.14 4.10 24.41
C ASP A 126 -2.98 4.16 25.38
N ASP A 127 -2.23 5.25 25.38
CA ASP A 127 -1.14 5.41 26.34
C ASP A 127 -1.64 5.63 27.76
N PHE A 128 -2.94 5.88 27.96
CA PHE A 128 -3.54 6.02 29.27
C PHE A 128 -4.32 4.78 29.69
N TYR A 129 -3.98 3.61 29.15
CA TYR A 129 -4.69 2.41 29.56
C TYR A 129 -4.32 2.03 30.99
N LEU A 130 -5.26 1.35 31.64
CA LEU A 130 -4.97 0.73 32.94
C LEU A 130 -3.81 -0.25 32.78
N THR A 131 -2.89 -0.22 33.75
CA THR A 131 -1.79 -1.17 33.73
C THR A 131 -2.33 -2.60 33.80
N ALA A 132 -1.44 -3.56 33.54
CA ALA A 132 -1.88 -4.94 33.34
C ALA A 132 -2.64 -5.46 34.56
N GLU A 133 -2.15 -5.19 35.76
CA GLU A 133 -2.88 -5.62 36.95
C GLU A 133 -4.17 -4.82 37.10
N GLU A 134 -4.14 -3.51 36.84
CA GLU A 134 -5.36 -2.73 36.92
C GLU A 134 -6.37 -3.17 35.86
N GLN A 135 -5.88 -3.49 34.66
CA GLN A 135 -6.77 -4.03 33.63
C GLN A 135 -7.37 -5.36 34.06
N ALA A 136 -6.56 -6.23 34.67
CA ALA A 136 -7.08 -7.51 35.14
C ALA A 136 -8.13 -7.32 36.23
N LYS A 137 -7.89 -6.38 37.15
CA LYS A 137 -8.87 -6.10 38.20
C LYS A 137 -10.14 -5.50 37.63
N LEU A 138 -10.03 -4.65 36.61
CA LEU A 138 -11.21 -4.14 35.92
C LEU A 138 -12.00 -5.28 35.28
N ARG A 139 -11.29 -6.23 34.67
CA ARG A 139 -11.96 -7.42 34.14
C ARG A 139 -12.69 -8.17 35.25
N ASP A 140 -12.01 -8.39 36.38
CA ASP A 140 -12.58 -9.21 37.45
C ASP A 140 -13.88 -8.62 37.98
N SER A 141 -14.00 -7.29 37.99
CA SER A 141 -15.23 -6.66 38.44
C SER A 141 -16.41 -7.01 37.56
N ASN A 142 -16.16 -7.25 36.27
CA ASN A 142 -17.21 -7.59 35.30
C ASN A 142 -16.84 -8.92 34.64
N PRO A 143 -16.98 -10.03 35.37
CA PRO A 143 -16.61 -11.33 34.80
C PRO A 143 -17.50 -11.75 33.63
N GLY A 144 -18.73 -11.26 33.58
CA GLY A 144 -19.65 -11.58 32.51
C GLY A 144 -19.71 -10.57 31.39
N ASN A 145 -18.77 -9.63 31.33
CA ASN A 145 -18.76 -8.58 30.31
C ASN A 145 -17.43 -8.69 29.57
N LEU A 146 -17.44 -9.31 28.39
CA LEU A 146 -16.22 -9.54 27.63
C LEU A 146 -15.54 -8.23 27.27
N LEU A 147 -16.31 -7.24 26.81
CA LEU A 147 -15.72 -6.03 26.25
C LEU A 147 -14.79 -5.32 27.24
N LEU A 148 -14.99 -5.54 28.53
CA LEU A 148 -14.10 -5.02 29.56
C LEU A 148 -12.95 -5.95 29.91
N GLU A 149 -12.94 -7.18 29.39
CA GLU A 149 -11.82 -8.08 29.65
C GLU A 149 -10.52 -7.50 29.09
N PHE A 150 -10.57 -6.93 27.90
CA PHE A 150 -9.40 -6.40 27.22
C PHE A 150 -9.59 -4.89 27.07
N ARG A 151 -8.70 -4.27 26.31
CA ARG A 151 -8.54 -2.83 26.32
C ARG A 151 -9.47 -2.15 25.32
N GLY A 152 -9.53 -0.82 25.44
CA GLY A 152 -10.15 0.04 24.45
C GLY A 152 -11.52 0.57 24.80
N ASN A 153 -12.40 -0.28 25.28
CA ASN A 153 -13.73 0.18 25.65
C ASN A 153 -13.66 0.94 26.96
N ALA A 154 -14.73 1.66 27.26
CA ALA A 154 -14.73 2.60 28.39
C ALA A 154 -14.50 1.86 29.71
N GLY A 155 -13.47 2.28 30.43
CA GLY A 155 -13.11 1.64 31.69
C GLY A 155 -11.64 1.28 31.75
N SER A 156 -11.08 0.85 30.62
CA SER A 156 -9.67 0.43 30.54
C SER A 156 -8.70 1.59 30.59
N HIS A 157 -9.14 2.80 30.92
CA HIS A 157 -8.31 3.99 30.88
C HIS A 157 -8.13 4.53 32.30
N ASP A 158 -6.88 4.82 32.66
CA ASP A 158 -6.51 5.25 34.00
C ASP A 158 -6.76 6.75 34.09
N LEU A 159 -8.00 7.11 34.45
CA LEU A 159 -8.43 8.51 34.35
C LEU A 159 -7.66 9.46 35.24
N PRO A 160 -7.41 9.18 36.53
CA PRO A 160 -6.59 10.12 37.32
C PRO A 160 -5.22 10.36 36.72
N PHE A 161 -4.59 9.30 36.22
CA PHE A 161 -3.32 9.44 35.51
C PHE A 161 -3.48 10.30 34.27
N SER A 162 -4.57 10.11 33.52
CA SER A 162 -4.83 10.92 32.34
C SER A 162 -4.96 12.39 32.70
N VAL A 163 -5.70 12.69 33.78
CA VAL A 163 -5.92 14.06 34.18
C VAL A 163 -4.61 14.72 34.60
N GLU A 164 -3.80 14.01 35.41
CA GLU A 164 -2.52 14.58 35.81
C GLU A 164 -1.60 14.78 34.60
N THR A 165 -1.58 13.82 33.68
CA THR A 165 -0.71 13.94 32.51
C THR A 165 -1.13 15.12 31.64
N MSE A 166 -2.43 15.31 31.44
CA MSE A 166 -2.91 16.43 30.64
C MSE A 166 -2.67 17.77 31.32
O MSE A 166 -2.38 18.77 30.66
CB MSE A 166 -4.39 16.27 30.31
CG MSE A 166 -4.69 15.09 29.38
SE MSE A 166 -3.74 15.25 27.70
CE MSE A 166 -4.67 16.79 26.97
N THR A 167 -2.82 17.82 32.65
CA THR A 167 -2.56 19.05 33.39
C THR A 167 -1.08 19.42 33.33
N ALA A 168 -0.19 18.45 33.47
CA ALA A 168 1.24 18.74 33.46
C ALA A 168 1.73 19.18 32.08
N LEU A 169 1.08 18.69 31.02
CA LEU A 169 1.42 19.14 29.67
C LEU A 169 1.20 20.63 29.51
N SER A 170 0.13 21.16 30.11
CA SER A 170 -0.25 22.55 29.91
C SER A 170 0.79 23.51 30.46
N LYS A 171 1.50 23.13 31.52
CA LYS A 171 2.44 24.06 32.12
C LYS A 171 3.78 24.12 31.40
N LEU A 172 3.86 23.56 30.18
CA LEU A 172 5.01 23.78 29.31
C LEU A 172 4.82 25.06 28.51
N THR A 173 4.94 26.19 29.22
CA THR A 173 4.88 27.50 28.61
C THR A 173 6.22 28.22 28.60
N LYS A 174 7.10 27.92 29.54
CA LYS A 174 8.47 28.38 29.50
C LYS A 174 9.41 27.26 29.07
N GLU A 175 10.68 27.63 28.93
CA GLU A 175 11.75 26.66 28.80
C GLU A 175 12.10 26.08 30.17
N GLY A 176 12.80 24.96 30.16
CA GLY A 176 13.10 24.29 31.42
C GLY A 176 12.02 23.36 31.92
N VAL A 177 10.77 23.84 31.95
CA VAL A 177 9.66 23.00 32.39
C VAL A 177 9.52 21.84 31.43
N LYS A 178 9.44 20.62 31.97
CA LYS A 178 9.34 19.42 31.19
C LYS A 178 8.11 18.60 31.60
N VAL A 179 7.84 17.58 30.80
CA VAL A 179 6.89 16.53 31.15
C VAL A 179 7.24 15.30 30.32
N LYS A 180 7.26 14.15 30.99
CA LYS A 180 7.50 12.89 30.29
C LYS A 180 6.22 12.42 29.61
N LEU A 181 6.36 11.94 28.39
CA LEU A 181 5.22 11.37 27.66
C LEU A 181 5.06 9.90 28.02
N PRO A 182 3.97 9.52 28.65
CA PRO A 182 3.77 8.10 28.97
C PRO A 182 3.54 7.26 27.72
N ARG A 183 4.51 6.42 27.40
CA ARG A 183 4.36 5.45 26.32
C ARG A 183 3.74 4.19 26.86
N TYR A 184 2.92 3.54 26.03
CA TYR A 184 2.30 2.28 26.38
C TYR A 184 2.80 1.18 25.45
N ASP A 185 3.25 0.07 26.03
CA ASP A 185 3.73 -1.07 25.26
C ASP A 185 2.56 -2.04 25.09
N LYS A 186 2.22 -2.34 23.84
CA LYS A 186 1.04 -3.12 23.54
C LYS A 186 1.31 -4.62 23.48
N SER A 187 2.58 -5.03 23.47
CA SER A 187 2.95 -6.43 23.32
C SER A 187 3.30 -7.11 24.63
N ALA A 188 3.18 -6.41 25.76
CA ALA A 188 3.56 -7.00 27.04
C ALA A 188 2.59 -8.12 27.42
N TYR A 189 3.13 -9.18 28.02
CA TYR A 189 2.37 -10.34 28.48
C TYR A 189 1.62 -11.00 27.31
N SER A 190 2.41 -11.55 26.39
CA SER A 190 1.94 -12.38 25.27
C SER A 190 1.18 -11.59 24.22
N GLY A 191 1.18 -10.26 24.31
CA GLY A 191 0.41 -9.43 23.41
C GLY A 191 -0.72 -8.66 24.05
N ARG A 192 -1.06 -8.96 25.30
CA ARG A 192 -2.10 -8.20 26.00
C ARG A 192 -1.67 -6.75 26.19
N GLY A 193 -0.58 -6.54 26.93
CA GLY A 193 0.00 -5.21 27.00
C GLY A 193 0.08 -4.60 28.38
N ASP A 194 1.15 -3.84 28.63
CA ASP A 194 1.34 -3.10 29.86
C ASP A 194 2.03 -1.78 29.53
N ARG A 195 1.85 -0.81 30.42
CA ARG A 195 2.49 0.49 30.25
C ARG A 195 4.00 0.33 30.16
N ALA A 196 4.60 1.04 29.22
CA ALA A 196 6.06 1.06 29.13
C ALA A 196 6.64 1.62 30.42
N ASP A 197 7.75 1.04 30.86
CA ASP A 197 8.31 1.41 32.15
C ASP A 197 8.68 2.89 32.14
N PRO A 198 8.29 3.66 33.16
CA PRO A 198 8.39 5.13 33.07
C PRO A 198 9.78 5.68 32.81
N SER A 199 10.83 4.87 32.90
CA SER A 199 12.19 5.31 32.63
C SER A 199 12.59 5.07 31.18
N GLU A 200 11.62 4.84 30.29
CA GLU A 200 11.88 4.66 28.87
C GLU A 200 11.07 5.64 28.02
N TRP A 201 10.53 6.68 28.62
CA TRP A 201 9.52 7.58 28.07
C TRP A 201 10.16 8.82 27.44
N PRO A 202 9.72 9.24 26.25
CA PRO A 202 10.21 10.50 25.68
C PRO A 202 9.76 11.69 26.51
N GLU A 203 10.60 12.72 26.53
CA GLU A 203 10.36 13.91 27.35
C GLU A 203 10.46 15.17 26.48
N VAL A 204 9.57 16.12 26.73
CA VAL A 204 9.48 17.36 25.96
C VAL A 204 9.78 18.54 26.86
N GLU A 205 10.67 19.40 26.40
CA GLU A 205 11.12 20.57 27.11
C GLU A 205 10.39 21.79 26.60
N GLY A 206 10.85 22.95 27.02
CA GLY A 206 10.32 24.24 26.59
C GLY A 206 8.84 24.50 26.72
N PRO A 207 8.39 25.49 25.95
CA PRO A 207 6.99 25.83 25.76
C PRO A 207 6.55 25.05 24.56
N LEU A 208 5.49 24.28 24.71
CA LEU A 208 5.00 23.51 23.61
C LEU A 208 3.71 24.16 23.18
N PRO A 209 3.58 24.41 21.88
CA PRO A 209 2.38 25.05 21.40
C PRO A 209 1.31 24.07 21.00
N VAL A 210 1.67 22.98 20.34
CA VAL A 210 0.59 22.08 19.94
C VAL A 210 0.78 20.71 20.58
N ILE A 211 -0.34 20.08 20.92
CA ILE A 211 -0.37 18.69 21.39
C ILE A 211 -1.36 17.93 20.53
N LEU A 212 -0.93 16.79 20.00
CA LEU A 212 -1.77 15.96 19.12
C LEU A 212 -2.26 14.76 19.89
N PHE A 213 -3.58 14.63 19.99
CA PHE A 213 -4.23 13.66 20.89
C PHE A 213 -5.19 12.82 20.06
N GLU A 214 -4.87 11.55 19.87
CA GLU A 214 -5.63 10.67 18.99
C GLU A 214 -6.29 9.54 19.80
N GLY A 215 -7.30 8.94 19.18
CA GLY A 215 -7.96 7.80 19.79
C GLY A 215 -9.20 7.36 19.03
N TRP A 216 -9.49 6.06 19.04
CA TRP A 216 -10.69 5.55 18.37
C TRP A 216 -11.97 5.95 19.10
N MSE A 217 -11.86 6.50 20.31
CA MSE A 217 -12.99 6.73 21.17
C MSE A 217 -13.17 8.21 21.53
O MSE A 217 -14.14 8.56 22.20
CB MSE A 217 -12.83 5.92 22.46
CG MSE A 217 -13.97 6.11 23.45
SE MSE A 217 -13.93 4.91 24.95
CE MSE A 217 -15.42 5.66 25.95
N LEU A 218 -12.28 9.09 21.07
CA LEU A 218 -12.43 10.52 21.32
C LEU A 218 -13.71 11.04 20.68
N GLY A 219 -14.33 12.02 21.35
CA GLY A 219 -15.58 12.58 20.89
C GLY A 219 -16.81 11.77 21.25
N PHE A 220 -16.64 10.47 21.51
CA PHE A 220 -17.77 9.63 21.90
C PHE A 220 -18.42 10.20 23.15
N LYS A 221 -19.75 10.30 23.13
CA LYS A 221 -20.48 10.95 24.20
C LYS A 221 -21.31 9.95 24.98
N PRO A 222 -21.65 10.26 26.24
CA PRO A 222 -22.62 9.44 26.98
C PRO A 222 -23.96 9.40 26.26
N LEU A 223 -24.43 8.21 25.96
CA LEU A 223 -25.75 8.12 25.36
C LEU A 223 -26.78 7.65 26.38
N PRO A 224 -28.05 7.98 26.14
CA PRO A 224 -29.12 7.36 26.91
C PRO A 224 -29.03 5.85 26.80
N PRO A 225 -29.16 5.14 27.92
CA PRO A 225 -28.97 3.68 27.89
C PRO A 225 -29.92 2.94 26.94
N GLU A 226 -30.93 3.61 26.39
CA GLU A 226 -31.86 2.94 25.50
C GLU A 226 -31.25 2.69 24.12
N VAL A 227 -30.47 3.64 23.61
CA VAL A 227 -29.68 3.36 22.41
C VAL A 227 -28.64 2.30 22.72
N VAL A 228 -28.12 2.31 23.94
CA VAL A 228 -27.01 1.42 24.30
C VAL A 228 -27.49 -0.03 24.43
N LYS A 229 -28.57 -0.25 25.20
CA LYS A 229 -28.95 -1.62 25.55
C LYS A 229 -29.26 -2.45 24.32
N ALA A 230 -29.86 -1.85 23.30
CA ALA A 230 -30.30 -2.59 22.12
C ALA A 230 -29.15 -2.91 21.16
N VAL A 231 -28.14 -2.03 21.09
CA VAL A 231 -26.98 -2.32 20.25
C VAL A 231 -26.16 -3.46 20.85
N ASP A 232 -25.98 -3.46 22.17
CA ASP A 232 -25.28 -4.53 22.87
C ASP A 232 -25.58 -4.43 24.36
N PRO A 233 -25.98 -5.52 25.01
CA PRO A 233 -26.11 -5.49 26.47
C PRO A 233 -24.82 -5.14 27.19
N GLN A 234 -23.67 -5.56 26.65
CA GLN A 234 -22.38 -5.36 27.29
C GLN A 234 -21.83 -3.94 27.12
N LEU A 235 -22.64 -3.02 26.59
CA LEU A 235 -22.25 -1.62 26.48
C LEU A 235 -22.77 -0.76 27.63
N GLU A 236 -23.76 -1.25 28.37
CA GLU A 236 -24.44 -0.41 29.35
C GLU A 236 -23.49 0.01 30.48
N THR A 237 -22.62 -0.90 30.92
CA THR A 237 -21.54 -0.49 31.83
C THR A 237 -20.55 0.41 31.10
N ILE A 238 -20.19 0.05 29.87
CA ILE A 238 -19.27 0.87 29.08
C ILE A 238 -19.89 2.24 28.79
N ASN A 239 -21.21 2.30 28.65
CA ASN A 239 -21.89 3.59 28.54
C ASN A 239 -21.70 4.42 29.81
N LYS A 240 -21.96 3.82 30.96
CA LYS A 240 -21.92 4.56 32.22
C LYS A 240 -20.52 5.04 32.55
N ASN A 241 -19.48 4.37 32.02
CA ASN A 241 -18.12 4.81 32.26
C ASN A 241 -17.81 6.09 31.50
N MSE A 242 -18.22 6.18 30.24
CA MSE A 242 -17.87 7.32 29.41
C MSE A 242 -18.47 8.62 29.91
O MSE A 242 -18.06 9.70 29.47
CB MSE A 242 -18.30 7.08 27.99
CG MSE A 242 -17.26 6.47 27.09
SE MSE A 242 -18.04 6.69 25.36
CE MSE A 242 -19.81 6.11 25.92
N GLU A 243 -19.47 8.51 30.79
CA GLU A 243 -19.98 9.70 31.46
C GLU A 243 -18.88 10.36 32.28
N ALA A 244 -17.94 9.56 32.81
CA ALA A 244 -16.77 10.07 33.49
C ALA A 244 -15.64 10.43 32.54
N TYR A 245 -15.77 10.15 31.24
CA TYR A 245 -14.81 10.59 30.24
C TYR A 245 -15.16 11.95 29.65
N TYR A 246 -16.39 12.43 29.84
CA TYR A 246 -16.78 13.76 29.42
C TYR A 246 -15.87 14.83 30.03
N ASP A 247 -15.24 14.52 31.15
CA ASP A 247 -14.64 15.52 32.01
C ASP A 247 -13.12 15.44 32.08
N ALA A 248 -12.52 14.32 31.68
CA ALA A 248 -11.06 14.18 31.72
C ALA A 248 -10.40 14.42 30.37
N TRP A 249 -11.15 14.36 29.27
CA TRP A 249 -10.61 14.58 27.93
C TRP A 249 -11.27 15.75 27.22
N HIS A 250 -12.60 15.84 27.26
CA HIS A 250 -13.30 16.84 26.48
C HIS A 250 -13.03 18.26 26.98
N LYS A 251 -12.70 18.40 28.27
CA LYS A 251 -12.25 19.69 28.78
C LYS A 251 -10.98 20.15 28.09
N TYR A 252 -10.08 19.22 27.80
CA TYR A 252 -8.70 19.54 27.46
C TYR A 252 -8.46 19.72 25.97
N VAL A 253 -9.33 19.16 25.12
CA VAL A 253 -9.17 19.25 23.67
C VAL A 253 -9.96 20.46 23.16
N LYS A 254 -9.26 21.36 22.47
CA LYS A 254 -9.87 22.56 21.91
C LYS A 254 -10.26 22.38 20.45
N SER A 255 -9.28 22.05 19.61
CA SER A 255 -9.51 21.81 18.19
C SER A 255 -9.69 20.32 17.93
N TRP A 256 -10.50 20.00 16.93
CA TRP A 256 -10.87 18.61 16.66
C TRP A 256 -10.75 18.30 15.17
N ILE A 257 -10.43 17.04 14.90
CA ILE A 257 -10.53 16.46 13.56
C ILE A 257 -11.24 15.12 13.68
N VAL A 258 -12.28 14.94 12.88
CA VAL A 258 -13.06 13.71 12.89
C VAL A 258 -12.93 13.10 11.50
N ILE A 259 -11.97 12.19 11.34
CA ILE A 259 -12.00 11.28 10.19
C ILE A 259 -13.29 10.49 10.30
N LYS A 260 -14.15 10.61 9.29
CA LYS A 260 -15.42 9.88 9.34
C LYS A 260 -15.45 8.85 8.23
N ILE A 261 -15.69 7.60 8.61
CA ILE A 261 -15.65 6.48 7.69
C ILE A 261 -17.07 6.16 7.23
N GLN A 262 -17.16 5.39 6.15
CA GLN A 262 -18.44 5.17 5.48
C GLN A 262 -19.27 4.11 6.20
N ASP A 263 -18.67 2.94 6.45
CA ASP A 263 -19.34 1.84 7.14
C ASP A 263 -18.32 1.28 8.12
N PRO A 264 -18.70 1.11 9.39
CA PRO A 264 -17.72 0.67 10.40
C PRO A 264 -17.03 -0.64 10.08
N SER A 265 -17.68 -1.54 9.33
CA SER A 265 -17.10 -2.84 9.05
C SER A 265 -15.73 -2.73 8.40
N TYR A 266 -15.48 -1.63 7.69
CA TYR A 266 -14.17 -1.32 7.10
C TYR A 266 -13.03 -1.65 8.06
N VAL A 267 -13.22 -1.32 9.34
CA VAL A 267 -12.18 -1.59 10.34
C VAL A 267 -11.67 -3.02 10.19
N TYR A 268 -12.58 -4.00 10.31
CA TYR A 268 -12.23 -5.40 10.10
C TYR A 268 -11.42 -5.57 8.83
N GLN A 269 -11.99 -5.12 7.70
CA GLN A 269 -11.29 -5.19 6.43
C GLN A 269 -9.87 -4.64 6.56
N TRP A 270 -9.77 -3.40 7.04
CA TRP A 270 -8.48 -2.73 7.11
C TRP A 270 -7.50 -3.51 7.98
N ARG A 271 -8.01 -4.13 9.05
CA ARG A 271 -7.14 -4.96 9.87
C ARG A 271 -6.67 -6.16 9.09
N LEU A 272 -7.61 -6.91 8.50
CA LEU A 272 -7.25 -8.19 7.89
C LEU A 272 -6.19 -8.01 6.82
N GLN A 273 -6.43 -7.08 5.90
CA GLN A 273 -5.46 -6.83 4.85
C GLN A 273 -4.07 -6.67 5.43
N ALA A 274 -3.93 -5.82 6.45
CA ALA A 274 -2.63 -5.60 7.06
C ALA A 274 -2.04 -6.92 7.51
N GLU A 275 -2.79 -7.67 8.33
CA GLU A 275 -2.29 -8.95 8.80
C GLU A 275 -2.07 -9.89 7.62
N ILE A 276 -2.97 -9.86 6.63
CA ILE A 276 -2.76 -10.67 5.44
C ILE A 276 -1.43 -10.32 4.78
N ALA A 277 -1.16 -9.02 4.64
CA ALA A 277 0.13 -8.61 4.08
C ALA A 277 1.28 -9.16 4.91
N MSE A 278 1.11 -9.18 6.24
CA MSE A 278 2.11 -9.81 7.10
C MSE A 278 2.21 -11.30 6.82
O MSE A 278 3.31 -11.85 6.67
CB MSE A 278 1.75 -9.58 8.56
CG MSE A 278 1.83 -8.13 9.00
SE MSE A 278 3.56 -7.34 8.80
CE MSE A 278 4.51 -8.36 10.17
N ARG A 279 1.07 -11.99 6.73
CA ARG A 279 1.08 -13.43 6.52
C ARG A 279 1.55 -13.78 5.11
N ALA A 280 1.19 -12.96 4.12
CA ALA A 280 1.70 -13.16 2.76
C ALA A 280 3.22 -13.02 2.73
N ASP A 281 3.74 -11.93 3.30
CA ASP A 281 5.18 -11.72 3.41
C ASP A 281 5.82 -12.64 4.43
N GLY A 282 5.04 -13.45 5.14
CA GLY A 282 5.58 -14.38 6.12
C GLY A 282 6.08 -13.71 7.38
N LYS A 283 5.19 -13.03 8.09
CA LYS A 283 5.52 -12.25 9.27
C LYS A 283 4.49 -12.54 10.35
N PRO A 284 4.81 -12.23 11.63
CA PRO A 284 3.81 -12.44 12.69
C PRO A 284 2.49 -11.80 12.35
N GLY A 285 1.49 -12.65 12.12
CA GLY A 285 0.19 -12.19 11.68
C GLY A 285 -0.92 -12.88 12.43
N MSE A 286 -1.80 -12.08 13.02
CA MSE A 286 -2.95 -12.65 13.76
C MSE A 286 -3.79 -13.49 12.79
O MSE A 286 -3.95 -13.04 11.63
CB MSE A 286 -3.78 -11.53 14.36
CG MSE A 286 -3.67 -11.40 15.86
SE MSE A 286 -5.12 -10.22 16.45
CE MSE A 286 -4.97 -8.50 15.53
N SER A 287 -4.31 -14.62 13.24
CA SER A 287 -5.15 -15.47 12.41
C SER A 287 -6.43 -14.74 12.04
N ASP A 288 -7.13 -15.28 11.03
CA ASP A 288 -8.39 -14.68 10.61
C ASP A 288 -9.37 -14.58 11.76
N GLU A 289 -9.54 -15.68 12.50
CA GLU A 289 -10.47 -15.68 13.63
C GLU A 289 -9.98 -14.78 14.74
N GLU A 290 -8.66 -14.73 14.95
CA GLU A 290 -8.08 -13.83 15.93
C GLU A 290 -8.42 -12.37 15.60
N VAL A 291 -8.15 -11.96 14.37
CA VAL A 291 -8.51 -10.61 13.93
C VAL A 291 -10.01 -10.40 14.01
N LYS A 292 -10.78 -11.42 13.65
CA LYS A 292 -12.23 -11.29 13.67
C LYS A 292 -12.71 -10.98 15.08
N ASP A 293 -12.24 -11.76 16.06
CA ASP A 293 -12.59 -11.49 17.46
C ASP A 293 -12.17 -10.09 17.86
N PHE A 294 -10.92 -9.74 17.59
CA PHE A 294 -10.39 -8.44 17.98
C PHE A 294 -11.27 -7.30 17.49
N VAL A 295 -11.54 -7.27 16.18
CA VAL A 295 -12.32 -6.16 15.62
C VAL A 295 -13.77 -6.25 16.07
N SER A 296 -14.38 -7.44 15.98
CA SER A 296 -15.77 -7.62 16.35
C SER A 296 -16.03 -7.34 17.82
N ARG A 297 -15.00 -7.13 18.61
CA ARG A 297 -15.19 -6.71 19.99
C ARG A 297 -15.22 -5.19 20.17
N TYR A 298 -14.50 -4.43 19.34
CA TYR A 298 -14.67 -2.98 19.34
C TYR A 298 -15.87 -2.52 18.53
N MSE A 299 -16.33 -3.32 17.57
CA MSE A 299 -17.50 -2.99 16.77
C MSE A 299 -18.77 -2.68 17.59
O MSE A 299 -19.53 -1.79 17.21
CB MSE A 299 -17.80 -4.14 15.78
CG MSE A 299 -16.72 -4.33 14.73
SE MSE A 299 -16.47 -2.76 13.62
CE MSE A 299 -18.14 -2.84 12.64
N PRO A 300 -19.01 -3.40 18.69
CA PRO A 300 -20.17 -3.05 19.54
C PRO A 300 -20.14 -1.62 20.04
N ALA A 301 -18.95 -1.02 20.25
CA ALA A 301 -18.89 0.37 20.67
C ALA A 301 -19.04 1.33 19.49
N TYR A 302 -18.43 0.98 18.35
CA TYR A 302 -18.56 1.81 17.16
C TYR A 302 -20.02 2.01 16.77
N LYS A 303 -20.77 0.92 16.66
CA LYS A 303 -22.16 1.01 16.23
C LYS A 303 -23.01 1.76 17.23
N ALA A 304 -22.60 1.81 18.50
CA ALA A 304 -23.31 2.60 19.49
C ALA A 304 -23.02 4.09 19.33
N TYR A 305 -21.75 4.45 19.13
CA TYR A 305 -21.35 5.83 19.37
C TYR A 305 -20.95 6.63 18.14
N LEU A 306 -20.52 5.97 17.06
CA LEU A 306 -20.26 6.69 15.82
C LEU A 306 -21.47 7.47 15.31
N PRO A 307 -22.71 6.95 15.36
CA PRO A 307 -23.85 7.75 14.90
C PRO A 307 -23.93 9.15 15.51
N THR A 308 -23.59 9.27 16.78
CA THR A 308 -23.72 10.54 17.47
C THR A 308 -22.78 11.59 16.90
N LEU A 309 -21.56 11.21 16.56
CA LEU A 309 -20.59 12.15 16.02
C LEU A 309 -21.13 12.81 14.75
N TYR A 310 -21.58 11.99 13.80
CA TYR A 310 -22.10 12.54 12.54
C TYR A 310 -23.35 13.36 12.76
N SER A 311 -24.18 12.99 13.75
CA SER A 311 -25.41 13.72 13.99
C SER A 311 -25.15 15.07 14.65
N GLU A 312 -24.59 15.05 15.86
CA GLU A 312 -24.30 16.29 16.59
C GLU A 312 -22.85 16.73 16.44
N GLY A 313 -21.92 15.89 16.88
CA GLY A 313 -20.51 16.25 16.88
C GLY A 313 -19.84 15.89 18.20
N PRO A 314 -18.53 16.12 18.29
CA PRO A 314 -17.81 15.82 19.52
C PRO A 314 -18.34 16.65 20.69
N SER A 315 -18.08 16.14 21.90
CA SER A 315 -18.73 16.69 23.07
C SER A 315 -18.14 18.02 23.48
N GLY A 316 -16.85 18.04 23.81
CA GLY A 316 -16.17 19.27 24.20
C GLY A 316 -15.65 20.02 23.00
N SER A 317 -16.49 20.21 21.99
CA SER A 317 -16.09 20.78 20.72
C SER A 317 -16.83 22.08 20.44
N ASP A 318 -16.17 22.96 19.70
CA ASP A 318 -16.76 24.18 19.19
C ASP A 318 -16.95 24.02 17.70
N PRO A 319 -18.16 24.21 17.17
CA PRO A 319 -18.42 23.88 15.76
C PRO A 319 -17.48 24.54 14.76
N LYS A 320 -17.07 25.78 15.02
CA LYS A 320 -16.10 26.41 14.12
C LYS A 320 -14.71 25.83 14.24
N HIS A 321 -14.44 25.00 15.27
CA HIS A 321 -13.12 24.48 15.53
C HIS A 321 -13.06 22.96 15.41
N VAL A 322 -13.86 22.39 14.50
CA VAL A 322 -13.88 20.96 14.24
C VAL A 322 -13.79 20.74 12.74
N LEU A 323 -12.84 19.93 12.31
CA LEU A 323 -12.66 19.58 10.90
C LEU A 323 -13.16 18.16 10.67
N LEU A 324 -13.95 17.96 9.62
CA LEU A 324 -14.51 16.65 9.30
C LEU A 324 -13.88 16.17 7.99
N ILE A 325 -13.23 15.01 8.05
CA ILE A 325 -12.57 14.42 6.89
C ILE A 325 -13.26 13.10 6.60
N ASP A 326 -14.06 13.07 5.54
CA ASP A 326 -14.71 11.84 5.10
C ASP A 326 -13.73 11.04 4.24
N ILE A 327 -13.33 9.87 4.71
CA ILE A 327 -12.38 9.04 3.97
C ILE A 327 -13.12 7.94 3.25
N ASP A 328 -12.64 7.60 2.06
CA ASP A 328 -13.20 6.51 1.27
C ASP A 328 -12.62 5.18 1.76
N GLU A 329 -12.83 4.13 0.97
CA GLU A 329 -12.36 2.80 1.37
C GLU A 329 -10.85 2.69 1.33
N GLY A 330 -10.17 3.56 0.59
CA GLY A 330 -8.73 3.57 0.53
C GLY A 330 -8.11 4.59 1.48
N ARG A 331 -8.88 5.00 2.49
CA ARG A 331 -8.44 5.97 3.49
C ARG A 331 -8.15 7.33 2.87
N ASN A 332 -8.82 7.66 1.77
CA ASN A 332 -8.56 8.94 1.10
C ASN A 332 -9.75 9.88 1.29
N PRO A 333 -9.51 11.19 1.39
CA PRO A 333 -10.59 12.14 1.65
C PRO A 333 -11.63 12.11 0.54
N ILE A 334 -12.89 11.89 0.92
CA ILE A 334 -14.00 11.89 -0.02
C ILE A 334 -14.38 13.34 -0.33
N LEU A 335 -14.69 13.62 -1.60
CA LEU A 335 -15.31 14.89 -1.95
C LEU A 335 -16.81 14.84 -1.62
N GLY A 336 -17.09 14.54 -0.35
CA GLY A 336 -18.43 14.63 0.19
C GLY A 336 -18.67 16.00 0.76
N CYS A 337 -18.37 17.02 -0.04
CA CYS A 337 -18.40 18.43 0.37
C CYS A 337 -17.37 18.70 1.46
N SER B 14 -15.57 27.19 -10.25
CA SER B 14 -14.27 27.79 -9.93
C SER B 14 -13.17 27.44 -10.92
N LYS B 15 -13.52 27.58 -12.19
CA LYS B 15 -12.67 27.29 -13.33
C LYS B 15 -11.96 28.54 -13.82
N GLU B 16 -12.61 29.67 -13.62
CA GLU B 16 -12.06 30.94 -14.04
C GLU B 16 -11.11 31.50 -13.01
N ALA B 17 -11.17 31.02 -11.76
CA ALA B 17 -10.00 31.10 -10.90
C ALA B 17 -8.77 30.53 -11.61
N THR B 18 -8.93 29.37 -12.28
CA THR B 18 -7.81 28.74 -12.97
C THR B 18 -7.43 29.48 -14.26
N ARG B 19 -8.43 29.94 -15.04
CA ARG B 19 -8.14 30.72 -16.23
C ARG B 19 -7.44 32.04 -15.88
N LYS B 20 -7.93 32.71 -14.83
CA LYS B 20 -7.30 33.91 -14.32
C LYS B 20 -5.90 33.60 -13.81
N TYR B 21 -5.73 32.47 -13.14
CA TYR B 21 -4.41 32.06 -12.69
C TYR B 21 -3.47 31.91 -13.86
N TYR B 22 -3.94 31.31 -14.96
CA TYR B 22 -3.04 31.01 -16.07
C TYR B 22 -2.73 32.23 -16.93
N LEU B 23 -3.67 33.17 -17.07
CA LEU B 23 -3.36 34.43 -17.75
C LEU B 23 -2.52 35.36 -16.86
N ASP B 24 -2.88 35.44 -15.57
CA ASP B 24 -2.10 36.21 -14.63
C ASP B 24 -0.71 35.64 -14.44
N LEU B 25 -0.54 34.36 -14.74
CA LEU B 25 0.78 33.76 -14.79
C LEU B 25 1.59 34.32 -15.96
N PHE B 26 0.92 34.67 -17.05
CA PHE B 26 1.60 35.35 -18.15
C PHE B 26 1.97 36.77 -17.75
N LYS B 27 1.08 37.46 -17.03
CA LYS B 27 1.51 38.77 -16.54
C LYS B 27 2.65 38.65 -15.53
N ARG B 28 2.66 37.58 -14.72
CA ARG B 28 3.73 37.39 -13.75
C ARG B 28 5.08 37.19 -14.44
N ALA B 29 5.08 36.74 -15.69
CA ALA B 29 6.31 36.48 -16.43
C ALA B 29 6.70 37.62 -17.35
N ASP B 30 5.98 38.74 -17.31
CA ASP B 30 6.30 39.88 -18.18
C ASP B 30 7.63 40.52 -17.86
N PHE B 31 8.24 40.20 -16.71
CA PHE B 31 9.52 40.76 -16.32
C PHE B 31 10.63 39.71 -16.43
N THR B 32 11.85 40.19 -16.65
CA THR B 32 13.02 39.32 -16.59
C THR B 32 13.41 39.00 -15.15
N ALA B 33 13.04 39.85 -14.21
CA ALA B 33 13.34 39.65 -12.79
C ALA B 33 12.22 38.95 -12.05
N ASN B 34 11.23 38.43 -12.76
CA ASN B 34 10.17 37.60 -12.18
C ASN B 34 10.36 36.13 -12.49
N LEU B 35 11.37 35.79 -13.29
CA LEU B 35 11.68 34.40 -13.58
C LEU B 35 12.13 33.56 -12.37
N PRO B 36 12.99 34.06 -11.45
CA PRO B 36 13.82 33.13 -10.67
C PRO B 36 13.09 31.99 -9.99
N LYS B 37 11.95 32.24 -9.36
CA LYS B 37 11.25 31.21 -8.62
C LYS B 37 10.18 30.51 -9.46
N LEU B 38 9.82 31.11 -10.60
CA LEU B 38 9.09 30.38 -11.64
C LEU B 38 9.91 29.22 -12.16
N ALA B 39 11.18 29.47 -12.44
CA ALA B 39 11.98 28.65 -13.33
C ALA B 39 12.77 27.56 -12.62
N LYS B 40 12.43 27.24 -11.37
CA LYS B 40 13.02 26.07 -10.73
C LYS B 40 12.36 24.78 -11.20
N LYS B 41 11.06 24.82 -11.46
CA LYS B 41 10.29 23.65 -11.84
C LYS B 41 9.32 24.07 -12.94
N GLY B 42 8.45 23.16 -13.34
CA GLY B 42 7.62 23.40 -14.50
C GLY B 42 8.44 23.29 -15.76
N GLY B 43 9.55 24.03 -15.81
CA GLY B 43 10.55 23.88 -16.84
C GLY B 43 10.71 25.12 -17.68
N PRO B 44 11.56 25.03 -18.71
CA PRO B 44 11.56 26.07 -19.76
C PRO B 44 10.23 26.15 -20.47
N ASP B 45 9.51 25.03 -20.53
CA ASP B 45 8.23 24.93 -21.23
C ASP B 45 7.05 25.33 -20.35
N ARG B 46 7.30 26.07 -19.26
CA ARG B 46 6.25 26.43 -18.32
C ARG B 46 5.07 27.11 -19.03
N LEU B 47 5.35 28.23 -19.69
CA LEU B 47 4.28 28.99 -20.32
C LEU B 47 3.73 28.30 -21.57
N ASN B 48 4.52 27.42 -22.20
CA ASN B 48 3.97 26.61 -23.28
C ASN B 48 2.88 25.66 -22.77
N ASP B 49 3.14 24.96 -21.67
CA ASP B 49 2.11 24.08 -21.10
C ASP B 49 0.95 24.89 -20.52
N ALA B 50 1.24 26.05 -19.95
CA ALA B 50 0.17 26.95 -19.53
C ALA B 50 -0.71 27.32 -20.71
N LEU B 51 -0.09 27.56 -21.87
CA LEU B 51 -0.84 27.89 -23.08
C LEU B 51 -1.63 26.68 -23.58
N LYS B 52 -1.10 25.47 -23.40
CA LYS B 52 -1.87 24.27 -23.72
C LYS B 52 -3.16 24.23 -22.89
N LYS B 53 -3.00 24.37 -21.57
CA LYS B 53 -4.17 24.35 -20.69
C LYS B 53 -5.11 25.52 -20.99
N LEU B 54 -4.56 26.64 -21.46
CA LEU B 54 -5.39 27.81 -21.76
C LEU B 54 -6.17 27.63 -23.05
N ARG B 55 -5.53 27.06 -24.09
CA ARG B 55 -6.27 26.71 -25.31
C ARG B 55 -7.38 25.74 -24.99
N LYS B 56 -7.09 24.73 -24.18
CA LYS B 56 -8.11 23.75 -23.84
C LYS B 56 -9.24 24.39 -23.03
N ALA B 57 -8.92 25.38 -22.19
CA ALA B 57 -9.96 26.11 -21.47
C ALA B 57 -10.81 26.98 -22.39
N GLY B 58 -10.30 27.35 -23.56
CA GLY B 58 -11.03 28.19 -24.49
C GLY B 58 -10.51 29.60 -24.54
N ILE B 59 -9.71 29.92 -25.55
CA ILE B 59 -9.12 31.23 -25.72
C ILE B 59 -9.11 31.58 -27.20
N SER B 60 -9.10 32.88 -27.49
CA SER B 60 -9.16 33.35 -28.85
C SER B 60 -7.84 33.10 -29.57
N GLU B 61 -7.89 33.17 -30.91
CA GLU B 61 -6.75 32.80 -31.74
C GLU B 61 -5.66 33.88 -31.76
N GLU B 62 -6.04 35.15 -31.70
CA GLU B 62 -5.05 36.21 -31.70
C GLU B 62 -4.34 36.31 -30.34
N LYS B 63 -5.09 36.17 -29.25
CA LYS B 63 -4.47 35.96 -27.95
C LYS B 63 -3.56 34.74 -27.98
N PHE B 64 -3.98 33.69 -28.68
CA PHE B 64 -3.12 32.50 -28.83
C PHE B 64 -1.83 32.85 -29.54
N ALA B 65 -1.89 33.67 -30.59
CA ALA B 65 -0.67 34.02 -31.31
C ALA B 65 0.28 34.84 -30.45
N GLU B 66 -0.27 35.87 -29.78
CA GLU B 66 0.56 36.68 -28.89
C GLU B 66 1.18 35.83 -27.79
N LEU B 67 0.40 34.90 -27.23
CA LEU B 67 0.91 34.00 -26.20
C LEU B 67 2.01 33.13 -26.77
N LYS B 68 1.74 32.46 -27.89
CA LYS B 68 2.71 31.57 -28.52
C LYS B 68 4.01 32.30 -28.85
N GLY B 69 3.96 33.62 -29.01
CA GLY B 69 5.20 34.39 -29.07
C GLY B 69 5.85 34.55 -27.69
N ALA B 70 5.07 34.97 -26.70
CA ALA B 70 5.61 35.27 -25.38
C ALA B 70 6.18 34.02 -24.69
N ALA B 71 5.51 32.89 -24.85
CA ALA B 71 5.98 31.63 -24.27
C ALA B 71 7.30 31.20 -24.88
N ALA B 72 7.45 31.37 -26.20
CA ALA B 72 8.74 31.09 -26.83
C ALA B 72 9.83 32.02 -26.29
N LYS B 73 9.49 33.30 -26.11
CA LYS B 73 10.45 34.22 -25.51
C LYS B 73 10.87 33.77 -24.12
N TYR B 74 9.92 33.31 -23.32
CA TYR B 74 10.25 32.80 -22.00
C TYR B 74 11.11 31.54 -22.08
N ALA B 75 10.87 30.70 -23.08
CA ALA B 75 11.71 29.53 -23.28
C ALA B 75 13.16 29.93 -23.56
N ASP B 76 13.35 30.94 -24.41
CA ASP B 76 14.71 31.43 -24.66
C ASP B 76 15.33 32.03 -23.40
N ASP B 77 14.55 32.83 -22.66
CA ASP B 77 15.07 33.41 -21.41
C ASP B 77 15.29 32.36 -20.33
N TRP B 78 14.73 31.16 -20.47
CA TRP B 78 15.05 30.07 -19.57
C TRP B 78 16.34 29.37 -19.98
N TYR B 79 16.43 28.96 -21.25
CA TYR B 79 17.66 28.36 -21.75
C TYR B 79 18.87 29.26 -21.58
N ARG B 80 18.66 30.58 -21.51
CA ARG B 80 19.75 31.51 -21.34
C ARG B 80 20.48 31.35 -20.01
N ILE B 81 19.83 30.76 -19.00
CA ILE B 81 20.45 30.67 -17.68
C ILE B 81 20.54 29.24 -17.18
N TYR B 82 19.63 28.36 -17.62
CA TYR B 82 19.67 26.96 -17.17
C TYR B 82 19.82 25.98 -18.32
N GLY B 83 20.30 26.41 -19.47
CA GLY B 83 20.61 25.49 -20.54
C GLY B 83 21.93 24.78 -20.31
N LYS B 84 22.22 23.82 -21.19
CA LYS B 84 23.48 23.09 -21.13
C LYS B 84 24.66 23.96 -21.56
N SER C 1 -17.01 -1.51 -12.65
CA SER C 1 -16.43 -2.33 -13.71
C SER C 1 -17.31 -3.53 -14.03
N SER C 2 -17.82 -3.56 -15.25
CA SER C 2 -18.53 -4.73 -15.75
C SER C 2 -17.55 -5.65 -16.47
N VAL C 3 -18.04 -6.84 -16.84
CA VAL C 3 -17.19 -7.84 -17.48
C VAL C 3 -16.56 -7.27 -18.75
N ASP C 4 -17.38 -6.65 -19.60
CA ASP C 4 -16.91 -6.04 -20.84
C ASP C 4 -15.65 -5.22 -20.60
N ASP C 5 -15.77 -4.20 -19.75
CA ASP C 5 -14.65 -3.33 -19.44
C ASP C 5 -13.44 -4.15 -19.01
N MSE C 6 -13.65 -5.11 -18.11
CA MSE C 6 -12.55 -5.86 -17.54
C MSE C 6 -11.83 -6.58 -18.66
O MSE C 6 -10.60 -6.57 -18.72
CB MSE C 6 -13.04 -6.84 -16.48
CG MSE C 6 -13.63 -6.16 -15.25
SE MSE C 6 -12.36 -4.92 -14.49
CE MSE C 6 -11.03 -6.20 -13.90
N TYR C 7 -12.62 -7.18 -19.56
CA TYR C 7 -12.06 -7.80 -20.75
C TYR C 7 -11.04 -6.87 -21.40
N ASP C 8 -11.50 -5.67 -21.79
CA ASP C 8 -10.63 -4.69 -22.40
C ASP C 8 -9.39 -4.48 -21.54
N PHE C 9 -9.61 -4.23 -20.24
CA PHE C 9 -8.50 -3.95 -19.34
C PHE C 9 -7.51 -5.12 -19.35
N ILE C 10 -8.05 -6.34 -19.23
CA ILE C 10 -7.17 -7.52 -19.23
C ILE C 10 -6.38 -7.57 -20.52
N CYS C 11 -7.03 -7.29 -21.66
CA CYS C 11 -6.33 -7.39 -22.94
C CYS C 11 -5.22 -6.35 -23.08
N SER C 12 -5.29 -5.24 -22.35
CA SER C 12 -4.32 -4.17 -22.51
C SER C 12 -3.14 -4.31 -21.56
N GLY C 13 -3.07 -5.39 -20.79
CA GLY C 13 -1.99 -5.61 -19.87
C GLY C 13 -0.67 -5.84 -20.55
N PRO C 14 0.43 -5.60 -19.82
CA PRO C 14 1.77 -5.73 -20.42
C PRO C 14 2.21 -7.16 -20.65
N LEU C 15 1.40 -8.15 -20.28
CA LEU C 15 1.83 -9.54 -20.33
C LEU C 15 0.93 -10.46 -21.13
N ILE C 16 -0.26 -10.00 -21.53
CA ILE C 16 -1.21 -10.88 -22.22
C ILE C 16 -0.63 -11.35 -23.56
N SER C 17 0.03 -10.44 -24.28
CA SER C 17 0.69 -10.85 -25.52
C SER C 17 1.92 -11.69 -25.28
N LYS C 18 2.48 -11.67 -24.07
CA LYS C 18 3.75 -12.35 -23.79
C LYS C 18 3.57 -13.79 -23.35
N ILE C 19 2.42 -14.15 -22.77
CA ILE C 19 2.22 -15.51 -22.27
C ILE C 19 1.64 -16.45 -23.31
N GLY C 20 1.46 -15.99 -24.55
CA GLY C 20 0.88 -16.82 -25.59
C GLY C 20 -0.63 -16.78 -25.68
N LEU C 21 -1.28 -15.81 -25.06
CA LEU C 21 -2.73 -15.71 -25.03
C LEU C 21 -3.18 -14.62 -26.01
N THR C 22 -4.38 -14.79 -26.56
CA THR C 22 -4.91 -13.93 -27.60
C THR C 22 -6.26 -13.37 -27.18
N PRO C 23 -6.71 -12.27 -27.83
CA PRO C 23 -8.02 -11.71 -27.46
C PRO C 23 -9.18 -12.70 -27.55
N GLU C 24 -9.17 -13.59 -28.55
CA GLU C 24 -10.20 -14.62 -28.60
C GLU C 24 -10.07 -15.61 -27.45
N LYS C 25 -8.84 -16.02 -27.14
CA LYS C 25 -8.62 -16.90 -25.99
C LYS C 25 -9.06 -16.24 -24.70
N VAL C 26 -8.84 -14.93 -24.58
CA VAL C 26 -9.35 -14.19 -23.44
C VAL C 26 -10.88 -14.23 -23.43
N ALA C 27 -11.50 -14.03 -24.59
CA ALA C 27 -12.96 -13.96 -24.67
C ALA C 27 -13.60 -15.28 -24.25
N GLU C 28 -13.04 -16.40 -24.70
CA GLU C 28 -13.66 -17.69 -24.40
C GLU C 28 -13.57 -18.03 -22.92
N SER C 29 -12.47 -17.68 -22.27
CA SER C 29 -12.20 -18.08 -20.89
C SER C 29 -12.38 -16.93 -19.89
N ILE C 30 -13.00 -15.82 -20.30
CA ILE C 30 -13.05 -14.63 -19.45
C ILE C 30 -13.77 -14.93 -18.14
N ASP C 31 -14.67 -15.92 -18.14
CA ASP C 31 -15.31 -16.35 -16.90
C ASP C 31 -14.28 -16.86 -15.90
N GLU C 32 -13.27 -17.58 -16.39
CA GLU C 32 -12.18 -18.01 -15.52
C GLU C 32 -11.44 -16.81 -14.95
N TRP C 33 -11.17 -15.81 -15.78
CA TRP C 33 -10.51 -14.60 -15.30
C TRP C 33 -11.29 -13.95 -14.16
N ILE C 34 -12.61 -13.83 -14.32
CA ILE C 34 -13.39 -13.12 -13.33
C ILE C 34 -13.58 -13.97 -12.06
N GLU C 35 -13.73 -15.29 -12.23
CA GLU C 35 -13.81 -16.15 -11.05
C GLU C 35 -12.51 -16.12 -10.26
N TYR C 36 -11.37 -16.17 -10.95
CA TYR C 36 -10.08 -16.07 -10.29
C TYR C 36 -9.92 -14.72 -9.61
N GLY C 37 -10.41 -13.66 -10.26
CA GLY C 37 -10.36 -12.34 -9.64
C GLY C 37 -11.18 -12.27 -8.36
N LEU C 38 -12.37 -12.86 -8.37
CA LEU C 38 -13.18 -12.88 -7.14
C LEU C 38 -12.48 -13.67 -6.03
N ARG C 39 -11.91 -14.84 -6.38
CA ARG C 39 -11.19 -15.62 -5.38
C ARG C 39 -10.01 -14.84 -4.81
N LEU C 40 -9.26 -14.14 -5.67
CA LEU C 40 -8.12 -13.36 -5.17
C LEU C 40 -8.58 -12.17 -4.33
N CYS C 41 -9.68 -11.52 -4.71
CA CYS C 41 -10.20 -10.42 -3.93
C CYS C 41 -10.63 -10.90 -2.55
N ARG C 42 -11.18 -12.12 -2.46
CA ARG C 42 -11.39 -12.73 -1.16
C ARG C 42 -10.07 -12.97 -0.44
N LEU C 43 -9.07 -13.48 -1.16
CA LEU C 43 -7.81 -13.87 -0.55
C LEU C 43 -7.12 -12.67 0.09
N PHE C 44 -6.79 -11.67 -0.73
CA PHE C 44 -6.10 -10.47 -0.23
C PHE C 44 -7.03 -9.53 0.51
N GLN C 45 -8.29 -9.91 0.71
CA GLN C 45 -9.32 -9.05 1.29
C GLN C 45 -9.40 -7.71 0.55
N LEU C 46 -9.80 -7.83 -0.70
CA LEU C 46 -10.06 -6.70 -1.59
C LEU C 46 -11.53 -6.72 -1.94
N ASN C 47 -11.91 -5.89 -2.92
CA ASN C 47 -13.30 -5.53 -3.09
C ASN C 47 -13.85 -5.79 -4.48
N GLN C 48 -12.99 -6.15 -5.45
CA GLN C 48 -13.38 -6.30 -6.85
C GLN C 48 -14.11 -5.07 -7.36
N LEU C 49 -15.37 -4.91 -6.96
CA LEU C 49 -16.23 -3.86 -7.48
C LEU C 49 -15.84 -2.47 -7.03
N SER C 50 -14.82 -2.34 -6.16
CA SER C 50 -14.40 -1.04 -5.63
C SER C 50 -12.88 -0.92 -5.58
N LEU C 51 -12.18 -1.54 -6.52
CA LEU C 51 -10.72 -1.57 -6.50
C LEU C 51 -10.12 -0.33 -7.14
N ASN C 52 -9.05 0.18 -6.54
CA ASN C 52 -8.25 1.20 -7.19
C ASN C 52 -7.42 0.59 -8.31
N GLU C 53 -6.73 1.44 -9.07
CA GLU C 53 -6.00 0.96 -10.23
C GLU C 53 -4.85 0.04 -9.84
N ALA C 54 -4.16 0.32 -8.73
CA ALA C 54 -3.03 -0.52 -8.33
C ALA C 54 -3.48 -1.95 -8.07
N GLN C 55 -4.61 -2.11 -7.36
CA GLN C 55 -5.11 -3.45 -7.04
C GLN C 55 -5.51 -4.20 -8.30
N LYS C 56 -6.24 -3.53 -9.21
CA LYS C 56 -6.64 -4.20 -10.44
C LYS C 56 -5.45 -4.52 -11.34
N ILE C 57 -4.40 -3.69 -11.30
CA ILE C 57 -3.20 -4.00 -12.07
C ILE C 57 -2.49 -5.23 -11.50
N ARG C 58 -2.35 -5.29 -10.17
CA ARG C 58 -1.71 -6.46 -9.59
C ARG C 58 -2.53 -7.73 -9.81
N ILE C 59 -3.85 -7.65 -9.69
CA ILE C 59 -4.68 -8.83 -9.90
C ILE C 59 -4.66 -9.26 -11.36
N TYR C 60 -5.06 -8.37 -12.26
CA TYR C 60 -5.42 -8.74 -13.62
C TYR C 60 -4.29 -8.63 -14.62
N HIS C 61 -3.30 -7.76 -14.36
CA HIS C 61 -2.14 -7.67 -15.23
C HIS C 61 -0.92 -8.42 -14.70
N TYR C 62 -0.89 -8.75 -13.40
CA TYR C 62 0.30 -9.33 -12.80
C TYR C 62 0.10 -10.74 -12.28
N TYR C 63 -0.86 -10.99 -11.41
CA TYR C 63 -0.98 -12.31 -10.78
C TYR C 63 -1.59 -13.33 -11.72
N ILE C 64 -2.80 -13.07 -12.21
CA ILE C 64 -3.52 -14.07 -13.01
C ILE C 64 -2.76 -14.43 -14.29
N PRO C 65 -2.19 -13.49 -15.05
CA PRO C 65 -1.40 -13.91 -16.24
C PRO C 65 -0.25 -14.84 -15.90
N VAL C 66 0.48 -14.56 -14.82
CA VAL C 66 1.56 -15.44 -14.41
C VAL C 66 1.01 -16.81 -14.03
N PHE C 67 -0.13 -16.83 -13.32
CA PHE C 67 -0.77 -18.09 -13.00
C PHE C 67 -1.12 -18.89 -14.26
N MSE C 68 -1.68 -18.22 -15.26
CA MSE C 68 -2.10 -18.89 -16.50
C MSE C 68 -0.89 -19.47 -17.21
O MSE C 68 -0.92 -20.61 -17.70
CB MSE C 68 -2.84 -17.91 -17.42
CG MSE C 68 -4.19 -17.44 -16.90
SE MSE C 68 -5.43 -18.90 -16.55
CE MSE C 68 -5.71 -19.49 -18.39
N TRP C 69 0.19 -18.67 -17.26
CA TRP C 69 1.41 -19.15 -17.89
C TRP C 69 1.98 -20.35 -17.16
N CYS C 70 1.95 -20.33 -15.82
CA CYS C 70 2.46 -21.46 -15.05
C CYS C 70 1.61 -22.71 -15.24
N GLU C 71 0.28 -22.56 -15.32
CA GLU C 71 -0.55 -23.73 -15.56
C GLU C 71 -0.32 -24.29 -16.96
N GLN C 72 -0.08 -23.42 -17.94
CA GLN C 72 0.30 -23.91 -19.26
C GLN C 72 1.62 -24.65 -19.21
N GLU C 73 2.58 -24.15 -18.44
CA GLU C 73 3.86 -24.84 -18.29
C GLU C 73 3.69 -26.21 -17.66
N ILE C 74 2.82 -26.32 -16.65
CA ILE C 74 2.55 -27.62 -16.05
C ILE C 74 1.87 -28.54 -17.05
N SER C 75 0.93 -27.99 -17.82
CA SER C 75 0.17 -28.79 -18.77
C SER C 75 1.09 -29.43 -19.81
N GLN C 76 2.00 -28.64 -20.39
CA GLN C 76 2.94 -29.16 -21.36
C GLN C 76 3.93 -30.12 -20.73
N HIS C 77 4.05 -30.12 -19.41
CA HIS C 77 4.93 -31.05 -18.71
C HIS C 77 4.23 -32.40 -18.48
N SER C 78 2.95 -32.37 -18.13
CA SER C 78 2.20 -33.61 -17.91
C SER C 78 1.82 -34.29 -19.22
N SER C 79 1.72 -33.53 -20.31
CA SER C 79 1.27 -34.10 -21.58
C SER C 79 2.33 -34.97 -22.25
N LYS C 80 3.55 -35.02 -21.71
CA LYS C 80 4.59 -35.87 -22.28
C LYS C 80 4.57 -37.30 -21.76
N PHE C 81 3.75 -37.62 -20.77
CA PHE C 81 3.82 -38.89 -20.06
C PHE C 81 2.67 -39.80 -20.44
N LYS C 82 2.98 -41.02 -20.83
CA LYS C 82 1.97 -42.05 -20.96
C LYS C 82 1.35 -42.32 -19.60
N GLU C 83 0.07 -42.69 -19.60
CA GLU C 83 -0.69 -42.78 -18.36
C GLU C 83 -0.11 -43.82 -17.39
N GLU C 84 0.73 -44.72 -17.88
CA GLU C 84 1.38 -45.74 -17.06
C GLU C 84 2.66 -45.23 -16.41
N GLU C 85 2.88 -43.92 -16.37
CA GLU C 85 4.13 -43.34 -15.90
C GLU C 85 3.89 -42.37 -14.75
N GLU C 86 4.87 -42.32 -13.84
CA GLU C 86 4.89 -41.29 -12.80
C GLU C 86 5.39 -39.99 -13.40
N ILE C 87 4.79 -38.88 -12.98
CA ILE C 87 5.18 -37.55 -13.43
C ILE C 87 5.91 -36.85 -12.29
N PRO C 88 7.17 -36.45 -12.48
CA PRO C 88 7.87 -35.71 -11.42
C PRO C 88 7.27 -34.32 -11.26
N PRO C 89 7.38 -33.73 -10.08
CA PRO C 89 6.88 -32.36 -9.88
C PRO C 89 7.63 -31.36 -10.76
N LEU C 90 6.91 -30.34 -11.19
CA LEU C 90 7.50 -29.27 -11.99
C LEU C 90 7.94 -28.13 -11.08
N VAL C 91 9.19 -27.73 -11.20
CA VAL C 91 9.80 -26.74 -10.32
C VAL C 91 9.99 -25.45 -11.12
N ILE C 92 9.29 -24.39 -10.71
CA ILE C 92 9.29 -23.11 -11.40
C ILE C 92 10.10 -22.12 -10.57
N GLY C 93 11.19 -21.61 -11.14
CA GLY C 93 12.10 -20.74 -10.41
C GLY C 93 11.77 -19.28 -10.61
N PHE C 94 11.72 -18.53 -9.51
CA PHE C 94 11.44 -17.10 -9.52
C PHE C 94 12.73 -16.37 -9.19
N SER C 95 13.39 -15.81 -10.20
CA SER C 95 14.64 -15.07 -10.03
C SER C 95 14.31 -13.59 -9.99
N ALA C 96 14.20 -13.05 -8.77
CA ALA C 96 13.70 -11.69 -8.57
C ALA C 96 14.36 -11.03 -7.37
N PRO C 97 14.76 -9.77 -7.50
CA PRO C 97 15.39 -9.07 -6.37
C PRO C 97 14.44 -8.90 -5.19
N GLN C 98 15.02 -8.51 -4.06
CA GLN C 98 14.29 -8.48 -2.80
C GLN C 98 13.24 -7.39 -2.78
N GLY C 99 12.09 -7.69 -2.16
CA GLY C 99 11.07 -6.70 -1.91
C GLY C 99 10.37 -6.14 -3.13
N CYS C 100 10.01 -6.99 -4.08
CA CYS C 100 9.32 -6.55 -5.30
C CYS C 100 8.01 -7.30 -5.50
N GLY C 101 7.36 -7.70 -4.42
CA GLY C 101 6.18 -8.53 -4.51
C GLY C 101 6.45 -9.99 -4.79
N LYS C 102 7.73 -10.38 -4.90
CA LYS C 102 8.10 -11.76 -5.19
C LYS C 102 7.47 -12.74 -4.20
N THR C 103 7.29 -12.32 -2.95
CA THR C 103 6.70 -13.19 -1.94
C THR C 103 5.18 -13.26 -2.08
N THR C 104 4.53 -12.10 -2.06
CA THR C 104 3.07 -12.06 -2.18
C THR C 104 2.62 -12.72 -3.47
N LEU C 105 3.40 -12.55 -4.55
CA LEU C 105 3.16 -13.26 -5.80
C LEU C 105 3.06 -14.76 -5.59
N VAL C 106 4.05 -15.35 -4.90
CA VAL C 106 4.09 -16.79 -4.73
C VAL C 106 2.95 -17.27 -3.85
N PHE C 107 2.58 -16.48 -2.84
CA PHE C 107 1.44 -16.83 -2.00
C PHE C 107 0.16 -16.88 -2.82
N ALA C 108 -0.06 -15.86 -3.67
CA ALA C 108 -1.24 -15.86 -4.53
C ALA C 108 -1.23 -17.02 -5.50
N LEU C 109 -0.06 -17.32 -6.08
CA LEU C 109 0.05 -18.45 -7.00
C LEU C 109 -0.26 -19.76 -6.31
N GLU C 110 0.27 -19.96 -5.10
CA GLU C 110 -0.06 -21.16 -4.33
C GLU C 110 -1.56 -21.27 -4.11
N TYR C 111 -2.20 -20.16 -3.75
CA TYR C 111 -3.63 -20.22 -3.48
C TYR C 111 -4.41 -20.57 -4.75
N LEU C 112 -4.04 -19.98 -5.89
CA LEU C 112 -4.77 -20.24 -7.12
C LEU C 112 -4.55 -21.67 -7.62
N PHE C 113 -3.32 -22.19 -7.51
CA PHE C 113 -3.06 -23.55 -7.95
C PHE C 113 -3.93 -24.55 -7.19
N LYS C 114 -4.06 -24.37 -5.88
CA LYS C 114 -4.91 -25.26 -5.09
C LYS C 114 -6.38 -25.06 -5.39
N ILE C 115 -6.78 -23.83 -5.74
CA ILE C 115 -8.17 -23.59 -6.13
C ILE C 115 -8.54 -24.36 -7.39
N THR C 116 -7.64 -24.36 -8.38
CA THR C 116 -7.95 -24.97 -9.67
C THR C 116 -7.83 -26.49 -9.66
N GLY C 117 -7.16 -27.08 -8.66
CA GLY C 117 -7.12 -28.52 -8.56
C GLY C 117 -5.76 -29.13 -8.34
N ARG C 118 -4.72 -28.34 -8.52
CA ARG C 118 -3.35 -28.82 -8.35
C ARG C 118 -2.87 -28.58 -6.93
N LYS C 119 -1.71 -29.16 -6.64
CA LYS C 119 -1.08 -28.99 -5.35
C LYS C 119 0.13 -28.09 -5.55
N ALA C 120 0.19 -27.03 -4.76
CA ALA C 120 1.28 -26.07 -4.86
C ALA C 120 2.18 -26.19 -3.63
N ALA C 121 3.49 -26.13 -3.86
CA ALA C 121 4.48 -26.19 -2.80
C ALA C 121 5.45 -25.03 -2.97
N THR C 122 5.61 -24.23 -1.92
CA THR C 122 6.43 -23.03 -1.97
C THR C 122 7.75 -23.26 -1.25
N MSE C 123 8.85 -22.99 -1.95
CA MSE C 123 10.18 -23.04 -1.34
C MSE C 123 10.95 -21.76 -1.58
O MSE C 123 11.14 -21.33 -2.72
CB MSE C 123 10.98 -24.24 -1.86
CG MSE C 123 10.47 -25.59 -1.38
SE MSE C 123 10.51 -25.73 0.57
CE MSE C 123 12.45 -25.73 0.81
N SER C 124 11.41 -21.13 -0.50
CA SER C 124 12.31 -19.99 -0.58
C SER C 124 13.74 -20.44 -0.39
N ILE C 125 14.66 -19.83 -1.14
CA ILE C 125 16.07 -20.20 -0.98
C ILE C 125 16.60 -19.78 0.37
N ASP C 126 15.97 -18.80 1.03
CA ASP C 126 16.33 -18.47 2.40
C ASP C 126 16.16 -19.66 3.33
N ASP C 127 15.32 -20.62 2.95
CA ASP C 127 15.14 -21.84 3.74
C ASP C 127 16.38 -22.73 3.71
N PHE C 128 17.26 -22.56 2.73
CA PHE C 128 18.46 -23.38 2.60
C PHE C 128 19.71 -22.69 3.14
N TYR C 129 19.57 -21.88 4.18
CA TYR C 129 20.74 -21.22 4.76
C TYR C 129 21.51 -22.15 5.69
N LEU C 130 22.76 -21.75 5.95
CA LEU C 130 23.56 -22.39 6.97
C LEU C 130 22.95 -22.17 8.35
N THR C 131 23.34 -23.01 9.30
CA THR C 131 22.92 -22.81 10.67
C THR C 131 23.75 -21.70 11.32
N ALA C 132 23.49 -21.44 12.61
CA ALA C 132 24.17 -20.34 13.29
C ALA C 132 25.67 -20.60 13.40
N GLU C 133 26.07 -21.77 13.88
CA GLU C 133 27.49 -22.06 14.03
C GLU C 133 28.16 -22.23 12.67
N GLU C 134 27.46 -22.83 11.71
CA GLU C 134 28.00 -22.90 10.36
C GLU C 134 28.15 -21.52 9.74
N GLN C 135 27.18 -20.62 10.01
CA GLN C 135 27.30 -19.24 9.54
C GLN C 135 28.50 -18.56 10.17
N ALA C 136 28.73 -18.79 11.47
CA ALA C 136 29.88 -18.19 12.14
C ALA C 136 31.18 -18.71 11.56
N LYS C 137 31.25 -20.01 11.26
CA LYS C 137 32.46 -20.55 10.64
C LYS C 137 32.65 -20.01 9.22
N LEU C 138 31.55 -19.80 8.50
CA LEU C 138 31.63 -19.14 7.19
C LEU C 138 32.24 -17.75 7.32
N ARG C 139 31.77 -16.98 8.31
CA ARG C 139 32.35 -15.65 8.56
C ARG C 139 33.83 -15.77 8.89
N ASP C 140 34.18 -16.70 9.77
CA ASP C 140 35.55 -16.79 10.26
C ASP C 140 36.51 -17.20 9.16
N SER C 141 36.05 -18.03 8.21
CA SER C 141 36.90 -18.40 7.09
C SER C 141 37.20 -17.22 6.17
N ASN C 142 36.42 -16.15 6.25
CA ASN C 142 36.56 -14.99 5.37
C ASN C 142 36.67 -13.74 6.22
N PRO C 143 37.77 -13.57 6.95
CA PRO C 143 37.86 -12.47 7.93
C PRO C 143 37.85 -11.08 7.33
N GLY C 144 38.20 -10.94 6.05
CA GLY C 144 38.31 -9.61 5.47
C GLY C 144 37.05 -9.09 4.81
N ASN C 145 36.46 -9.90 3.94
CA ASN C 145 35.33 -9.45 3.12
C ASN C 145 34.11 -9.24 4.02
N LEU C 146 33.69 -7.98 4.18
CA LEU C 146 32.50 -7.68 4.98
C LEU C 146 31.27 -8.37 4.41
N LEU C 147 31.20 -8.48 3.08
CA LEU C 147 30.00 -9.01 2.44
C LEU C 147 29.73 -10.46 2.84
N LEU C 148 30.79 -11.22 3.12
CA LEU C 148 30.66 -12.65 3.43
C LEU C 148 30.57 -12.94 4.93
N GLU C 149 30.62 -11.92 5.79
CA GLU C 149 30.48 -12.18 7.23
C GLU C 149 29.13 -12.80 7.57
N PHE C 150 28.12 -12.59 6.74
CA PHE C 150 26.75 -13.01 7.07
C PHE C 150 25.97 -13.14 5.77
N ARG C 151 24.65 -13.34 5.92
CA ARG C 151 23.87 -14.09 4.94
C ARG C 151 23.66 -13.31 3.64
N GLY C 152 23.39 -14.07 2.58
CA GLY C 152 22.89 -13.51 1.33
C GLY C 152 23.76 -13.74 0.11
N ASN C 153 25.07 -13.55 0.26
CA ASN C 153 25.97 -13.60 -0.88
C ASN C 153 26.22 -15.06 -1.27
N ALA C 154 27.20 -15.29 -2.14
CA ALA C 154 27.56 -16.64 -2.52
C ALA C 154 28.24 -17.37 -1.37
N GLY C 155 28.27 -18.70 -1.45
CA GLY C 155 28.92 -19.50 -0.44
C GLY C 155 28.31 -19.35 0.94
N SER C 156 27.00 -19.13 1.03
CA SER C 156 26.34 -18.87 2.30
C SER C 156 25.11 -19.75 2.51
N HIS C 157 25.01 -20.85 1.77
CA HIS C 157 23.88 -21.77 1.90
C HIS C 157 24.37 -23.17 2.24
N ASP C 158 23.47 -23.95 2.82
CA ASP C 158 23.75 -25.34 3.22
C ASP C 158 23.46 -26.22 2.01
N LEU C 159 24.42 -26.23 1.08
CA LEU C 159 24.21 -26.88 -0.21
C LEU C 159 23.93 -28.38 -0.12
N PRO C 160 24.63 -29.19 0.69
CA PRO C 160 24.24 -30.61 0.77
C PRO C 160 22.79 -30.81 1.18
N PHE C 161 22.31 -30.03 2.16
CA PHE C 161 20.92 -30.11 2.54
C PHE C 161 20.00 -29.69 1.40
N SER C 162 20.36 -28.63 0.68
CA SER C 162 19.54 -28.16 -0.43
C SER C 162 19.42 -29.21 -1.52
N VAL C 163 20.53 -29.89 -1.83
CA VAL C 163 20.49 -31.00 -2.80
C VAL C 163 19.61 -32.13 -2.26
N GLU C 164 19.76 -32.45 -0.98
CA GLU C 164 18.95 -33.51 -0.38
C GLU C 164 17.47 -33.17 -0.38
N THR C 165 17.14 -31.88 -0.15
CA THR C 165 15.74 -31.49 -0.04
C THR C 165 15.04 -31.51 -1.41
N MSE C 166 15.74 -31.11 -2.46
CA MSE C 166 15.13 -31.08 -3.80
C MSE C 166 15.02 -32.47 -4.42
O MSE C 166 14.23 -32.68 -5.34
CB MSE C 166 15.93 -30.16 -4.72
CG MSE C 166 15.88 -28.70 -4.33
SE MSE C 166 14.04 -28.05 -4.26
CE MSE C 166 13.62 -28.15 -6.16
N THR C 167 15.82 -33.42 -3.91
CA THR C 167 15.69 -34.80 -4.37
C THR C 167 14.49 -35.49 -3.71
N ALA C 168 14.22 -35.17 -2.45
CA ALA C 168 13.06 -35.75 -1.77
C ALA C 168 11.76 -35.24 -2.35
N LEU C 169 11.73 -33.98 -2.77
CA LEU C 169 10.52 -33.41 -3.36
C LEU C 169 10.17 -34.08 -4.67
N SER C 170 11.17 -34.41 -5.48
CA SER C 170 10.97 -34.90 -6.84
C SER C 170 10.36 -36.28 -6.86
N LYS C 171 10.17 -36.88 -5.68
CA LYS C 171 9.61 -38.22 -5.56
C LYS C 171 8.17 -38.21 -5.05
N LEU C 172 7.54 -37.04 -5.00
CA LEU C 172 6.14 -36.95 -4.58
C LEU C 172 5.22 -37.11 -5.80
N THR C 173 5.23 -38.33 -6.34
CA THR C 173 4.41 -38.67 -7.50
C THR C 173 3.16 -39.47 -7.12
N LYS C 174 3.10 -40.01 -5.91
CA LYS C 174 2.01 -40.88 -5.49
C LYS C 174 1.54 -40.46 -4.11
N GLU C 175 0.31 -40.84 -3.78
CA GLU C 175 -0.17 -40.74 -2.41
C GLU C 175 0.53 -41.78 -1.54
N GLY C 176 0.82 -41.40 -0.29
CA GLY C 176 1.63 -42.20 0.60
C GLY C 176 3.06 -41.72 0.73
N VAL C 177 3.46 -40.73 -0.06
CA VAL C 177 4.80 -40.16 -0.03
C VAL C 177 4.72 -38.78 0.60
N LYS C 178 5.69 -38.44 1.43
CA LYS C 178 5.74 -37.13 2.08
C LYS C 178 7.16 -36.61 2.10
N VAL C 179 7.29 -35.34 2.47
CA VAL C 179 8.57 -34.68 2.65
C VAL C 179 8.35 -33.42 3.47
N LYS C 180 9.26 -33.14 4.39
CA LYS C 180 9.19 -31.92 5.19
C LYS C 180 9.69 -30.73 4.38
N LEU C 181 9.10 -29.56 4.64
CA LEU C 181 9.59 -28.32 4.07
C LEU C 181 10.48 -27.64 5.09
N PRO C 182 11.78 -27.55 4.87
CA PRO C 182 12.62 -26.75 5.77
C PRO C 182 12.20 -25.30 5.74
N ARG C 183 11.67 -24.81 6.84
CA ARG C 183 11.30 -23.40 6.96
C ARG C 183 12.42 -22.66 7.69
N TYR C 184 12.67 -21.42 7.27
CA TYR C 184 13.68 -20.60 7.92
C TYR C 184 13.00 -19.63 8.89
N ASP C 185 13.74 -19.26 9.94
CA ASP C 185 13.21 -18.41 11.00
C ASP C 185 14.23 -17.30 11.22
N LYS C 186 13.94 -16.11 10.68
CA LYS C 186 14.91 -15.03 10.66
C LYS C 186 15.08 -14.37 12.02
N SER C 187 14.15 -14.56 12.95
CA SER C 187 14.20 -13.90 14.25
C SER C 187 14.88 -14.75 15.32
N ALA C 188 15.74 -15.69 14.91
CA ALA C 188 16.47 -16.53 15.85
C ALA C 188 17.86 -15.96 16.10
N TYR C 189 18.40 -16.23 17.28
CA TYR C 189 19.69 -15.68 17.71
C TYR C 189 19.72 -14.16 17.58
N SER C 190 18.63 -13.52 18.00
CA SER C 190 18.51 -12.06 18.01
C SER C 190 18.67 -11.47 16.61
N GLY C 191 17.78 -11.89 15.71
CA GLY C 191 17.70 -11.34 14.38
C GLY C 191 18.71 -11.88 13.39
N ARG C 192 19.81 -12.47 13.85
CA ARG C 192 20.78 -13.06 12.94
C ARG C 192 20.22 -14.30 12.24
N GLY C 193 19.12 -14.85 12.72
CA GLY C 193 18.42 -15.92 12.04
C GLY C 193 19.02 -17.30 12.21
N ASP C 194 18.17 -18.32 12.12
CA ASP C 194 18.62 -19.70 12.09
C ASP C 194 17.50 -20.55 11.51
N ARG C 195 17.87 -21.74 11.03
CA ARG C 195 16.90 -22.68 10.51
C ARG C 195 15.89 -23.05 11.58
N ALA C 196 14.60 -23.01 11.22
CA ALA C 196 13.57 -23.45 12.15
C ALA C 196 13.76 -24.93 12.47
N ASP C 197 13.56 -25.28 13.73
CA ASP C 197 13.78 -26.65 14.16
C ASP C 197 12.79 -27.57 13.43
N PRO C 198 13.23 -28.77 12.99
CA PRO C 198 12.40 -29.59 12.11
C PRO C 198 11.00 -29.90 12.63
N SER C 199 10.75 -29.68 13.92
CA SER C 199 9.42 -29.85 14.49
C SER C 199 8.46 -28.74 14.05
N GLU C 200 8.91 -27.86 13.16
CA GLU C 200 8.13 -26.71 12.71
C GLU C 200 7.93 -26.73 11.21
N TRP C 201 8.23 -27.83 10.54
CA TRP C 201 8.34 -27.87 9.09
C TRP C 201 7.03 -28.37 8.49
N PRO C 202 6.33 -27.57 7.70
CA PRO C 202 5.17 -28.10 6.97
C PRO C 202 5.60 -29.19 6.01
N GLU C 203 4.76 -30.20 5.85
CA GLU C 203 5.12 -31.35 5.02
C GLU C 203 3.94 -31.74 4.13
N VAL C 204 4.25 -31.98 2.85
CA VAL C 204 3.24 -32.13 1.81
C VAL C 204 3.24 -33.58 1.31
N GLU C 205 2.06 -34.12 1.05
CA GLU C 205 1.93 -35.49 0.61
C GLU C 205 1.07 -35.65 -0.62
N GLY C 206 1.33 -36.70 -1.37
CA GLY C 206 0.56 -37.00 -2.56
C GLY C 206 1.26 -36.70 -3.85
N PRO C 207 0.51 -36.74 -4.94
CA PRO C 207 0.85 -36.23 -6.26
C PRO C 207 1.23 -34.76 -6.12
N LEU C 208 2.43 -34.49 -6.56
CA LEU C 208 2.96 -33.15 -6.56
C LEU C 208 3.29 -32.84 -7.99
N PRO C 209 2.57 -31.87 -8.55
CA PRO C 209 2.70 -31.45 -9.93
C PRO C 209 3.63 -30.27 -10.10
N VAL C 210 3.55 -29.34 -9.18
CA VAL C 210 4.35 -28.13 -9.17
C VAL C 210 4.84 -27.69 -7.81
N ILE C 211 6.06 -27.19 -7.85
CA ILE C 211 6.80 -26.63 -6.73
C ILE C 211 7.32 -25.26 -7.14
N LEU C 212 7.12 -24.26 -6.30
CA LEU C 212 7.56 -22.90 -6.58
C LEU C 212 8.80 -22.58 -5.74
N PHE C 213 9.83 -22.08 -6.40
CA PHE C 213 11.17 -21.93 -5.83
C PHE C 213 11.59 -20.48 -6.04
N GLU C 214 11.31 -19.62 -5.06
CA GLU C 214 11.64 -18.21 -5.16
C GLU C 214 13.12 -18.01 -4.84
N GLY C 215 13.53 -16.75 -4.70
CA GLY C 215 14.90 -16.44 -4.33
C GLY C 215 15.49 -15.30 -5.12
N TRP C 216 16.28 -14.45 -4.46
CA TRP C 216 16.90 -13.30 -5.15
C TRP C 216 18.15 -13.72 -5.93
N MSE C 217 18.75 -14.85 -5.56
CA MSE C 217 20.05 -15.23 -6.18
C MSE C 217 19.84 -16.30 -7.25
O MSE C 217 20.84 -16.71 -7.85
CB MSE C 217 20.99 -15.78 -5.12
CG MSE C 217 22.14 -14.87 -4.80
SE MSE C 217 23.77 -15.90 -4.43
CE MSE C 217 25.30 -14.80 -4.98
N LEU C 218 18.61 -16.75 -7.49
CA LEU C 218 18.44 -17.73 -8.55
C LEU C 218 18.74 -17.09 -9.90
N GLY C 219 19.19 -17.92 -10.84
CA GLY C 219 19.53 -17.43 -12.16
C GLY C 219 20.94 -16.88 -12.23
N PHE C 220 21.44 -16.39 -11.10
CA PHE C 220 22.79 -15.85 -11.04
C PHE C 220 23.82 -16.90 -11.46
N LYS C 221 24.77 -16.48 -12.29
CA LYS C 221 25.83 -17.34 -12.77
C LYS C 221 27.18 -16.80 -12.33
N PRO C 222 28.18 -17.67 -12.18
CA PRO C 222 29.55 -17.18 -11.95
C PRO C 222 30.02 -16.36 -13.14
N LEU C 223 30.47 -15.14 -12.85
CA LEU C 223 30.92 -14.23 -13.89
C LEU C 223 32.43 -14.37 -14.07
N PRO C 224 32.99 -13.74 -15.10
CA PRO C 224 34.45 -13.60 -15.16
C PRO C 224 34.96 -12.91 -13.90
N PRO C 225 36.00 -13.47 -13.27
CA PRO C 225 36.47 -12.89 -12.00
C PRO C 225 36.92 -11.44 -12.09
N GLU C 226 37.14 -10.91 -13.30
CA GLU C 226 37.58 -9.53 -13.45
C GLU C 226 36.42 -8.55 -13.58
N VAL C 227 35.39 -8.89 -14.36
CA VAL C 227 34.15 -8.11 -14.32
C VAL C 227 33.60 -8.08 -12.90
N VAL C 228 33.82 -9.16 -12.16
CA VAL C 228 33.34 -9.25 -10.79
C VAL C 228 34.07 -8.25 -9.90
N LYS C 229 35.37 -8.03 -10.14
CA LYS C 229 36.14 -7.12 -9.30
C LYS C 229 36.07 -5.67 -9.74
N ALA C 230 35.72 -5.40 -10.99
CA ALA C 230 35.51 -4.02 -11.41
C ALA C 230 34.30 -3.42 -10.70
N VAL C 231 33.21 -4.19 -10.60
CA VAL C 231 32.03 -3.74 -9.86
C VAL C 231 32.36 -3.58 -8.38
N ASP C 232 32.97 -4.60 -7.79
CA ASP C 232 33.44 -4.57 -6.41
C ASP C 232 34.55 -5.60 -6.27
N PRO C 233 35.78 -5.17 -5.95
CA PRO C 233 36.90 -6.12 -5.91
C PRO C 233 36.70 -7.28 -4.94
N GLN C 234 35.92 -7.08 -3.88
CA GLN C 234 35.71 -8.14 -2.90
C GLN C 234 35.00 -9.34 -3.49
N LEU C 235 34.05 -9.09 -4.42
CA LEU C 235 33.18 -10.11 -4.95
C LEU C 235 33.91 -11.28 -5.60
N GLU C 236 35.23 -11.20 -5.75
CA GLU C 236 36.00 -12.27 -6.39
C GLU C 236 35.74 -13.62 -5.74
N THR C 237 35.84 -13.68 -4.41
CA THR C 237 35.55 -14.93 -3.70
C THR C 237 34.10 -15.33 -3.89
N ILE C 238 33.20 -14.35 -3.87
CA ILE C 238 31.78 -14.60 -4.13
C ILE C 238 31.61 -15.23 -5.50
N ASN C 239 32.28 -14.67 -6.52
CA ASN C 239 32.21 -15.27 -7.85
C ASN C 239 32.82 -16.67 -7.87
N LYS C 240 33.80 -16.93 -7.01
CA LYS C 240 34.38 -18.27 -6.95
C LYS C 240 33.40 -19.27 -6.35
N ASN C 241 32.58 -18.85 -5.39
CA ASN C 241 31.63 -19.76 -4.76
C ASN C 241 30.38 -20.02 -5.59
N MSE C 242 30.02 -19.12 -6.50
CA MSE C 242 28.78 -19.25 -7.28
C MSE C 242 28.67 -20.49 -8.15
O MSE C 242 27.61 -20.76 -8.73
CB MSE C 242 28.59 -18.02 -8.18
CG MSE C 242 28.22 -16.76 -7.44
SE MSE C 242 26.53 -17.05 -6.54
CE MSE C 242 25.42 -17.33 -8.10
N GLU C 243 29.75 -21.26 -8.26
CA GLU C 243 29.78 -22.40 -9.16
C GLU C 243 29.02 -23.60 -8.60
N ALA C 244 29.04 -23.81 -7.29
CA ALA C 244 28.40 -24.98 -6.70
C ALA C 244 26.88 -24.84 -6.64
N TYR C 245 26.37 -23.63 -6.48
CA TYR C 245 24.93 -23.41 -6.53
C TYR C 245 24.37 -23.83 -7.88
N TYR C 246 25.15 -23.58 -8.93
CA TYR C 246 24.72 -23.85 -10.29
C TYR C 246 24.39 -25.34 -10.50
N ASP C 247 25.14 -26.22 -9.83
CA ASP C 247 24.87 -27.64 -9.89
C ASP C 247 23.79 -28.08 -8.90
N ALA C 248 23.48 -27.25 -7.91
CA ALA C 248 22.50 -27.59 -6.89
C ALA C 248 21.14 -26.93 -7.11
N TRP C 249 21.07 -25.89 -7.91
CA TRP C 249 19.79 -25.20 -8.17
C TRP C 249 19.39 -25.23 -9.63
N HIS C 250 20.29 -24.89 -10.55
CA HIS C 250 19.91 -24.78 -11.96
C HIS C 250 19.57 -26.12 -12.57
N LYS C 251 20.22 -27.20 -12.13
CA LYS C 251 19.86 -28.54 -12.59
C LYS C 251 18.40 -28.85 -12.28
N TYR C 252 17.88 -28.32 -11.18
CA TYR C 252 16.57 -28.71 -10.68
C TYR C 252 15.45 -27.84 -11.22
N VAL C 253 15.74 -26.63 -11.68
CA VAL C 253 14.72 -25.70 -12.13
C VAL C 253 14.56 -25.84 -13.65
N LYS C 254 13.33 -26.04 -14.10
CA LYS C 254 13.03 -26.20 -15.52
C LYS C 254 12.45 -24.93 -16.13
N SER C 255 11.46 -24.33 -15.50
CA SER C 255 10.82 -23.11 -15.98
C SER C 255 11.18 -21.95 -15.06
N TRP C 256 11.13 -20.74 -15.61
CA TRP C 256 11.60 -19.56 -14.89
C TRP C 256 10.60 -18.42 -15.00
N ILE C 257 10.63 -17.54 -14.00
CA ILE C 257 9.92 -16.27 -14.02
C ILE C 257 10.86 -15.21 -13.48
N VAL C 258 11.44 -14.40 -14.37
CA VAL C 258 12.42 -13.40 -13.98
C VAL C 258 11.67 -12.08 -13.78
N ILE C 259 11.41 -11.74 -12.53
CA ILE C 259 11.01 -10.37 -12.19
C ILE C 259 12.27 -9.53 -12.24
N LYS C 260 12.46 -8.80 -13.33
CA LYS C 260 13.62 -7.95 -13.47
C LYS C 260 13.19 -6.50 -13.31
N ILE C 261 14.08 -5.66 -12.79
CA ILE C 261 13.71 -4.34 -12.30
C ILE C 261 14.40 -3.25 -13.09
N GLN C 262 13.79 -2.06 -13.06
CA GLN C 262 14.27 -0.91 -13.81
C GLN C 262 15.61 -0.39 -13.28
N ASP C 263 15.83 -0.48 -11.97
CA ASP C 263 17.05 0.00 -11.33
C ASP C 263 17.28 -0.79 -10.05
N PRO C 264 18.46 -1.39 -9.87
CA PRO C 264 18.71 -2.16 -8.63
C PRO C 264 18.53 -1.34 -7.36
N SER C 265 18.90 -0.06 -7.37
CA SER C 265 18.86 0.75 -6.16
C SER C 265 17.44 0.86 -5.61
N TYR C 266 16.41 0.62 -6.43
CA TYR C 266 15.03 0.52 -5.97
C TYR C 266 14.94 -0.26 -4.66
N VAL C 267 15.70 -1.35 -4.58
CA VAL C 267 15.69 -2.20 -3.39
C VAL C 267 15.76 -1.34 -2.13
N TYR C 268 16.81 -0.50 -2.05
CA TYR C 268 16.97 0.40 -0.92
C TYR C 268 15.67 1.11 -0.59
N GLN C 269 15.16 1.87 -1.56
CA GLN C 269 13.91 2.61 -1.36
C GLN C 269 12.83 1.69 -0.85
N TRP C 270 12.60 0.57 -1.57
CA TRP C 270 11.55 -0.34 -1.18
C TRP C 270 11.73 -0.78 0.26
N ARG C 271 12.95 -1.18 0.63
CA ARG C 271 13.18 -1.63 1.99
C ARG C 271 12.77 -0.55 2.97
N LEU C 272 13.22 0.68 2.73
CA LEU C 272 12.86 1.79 3.61
C LEU C 272 11.35 1.88 3.74
N GLN C 273 10.65 1.88 2.59
CA GLN C 273 9.19 1.94 2.64
C GLN C 273 8.66 0.84 3.52
N ALA C 274 9.09 -0.40 3.25
CA ALA C 274 8.69 -1.52 4.09
C ALA C 274 8.88 -1.16 5.56
N GLU C 275 10.10 -0.77 5.91
CA GLU C 275 10.41 -0.48 7.30
C GLU C 275 9.48 0.60 7.84
N ILE C 276 9.36 1.71 7.09
CA ILE C 276 8.55 2.83 7.58
C ILE C 276 7.12 2.37 7.81
N ALA C 277 6.59 1.58 6.88
CA ALA C 277 5.17 1.19 6.98
C ALA C 277 4.84 0.86 8.43
N MSE C 278 5.76 0.16 9.10
CA MSE C 278 5.48 -0.27 10.49
C MSE C 278 5.83 0.88 11.45
O MSE C 278 5.00 1.18 12.31
CB MSE C 278 6.08 -1.64 10.77
CG MSE C 278 7.57 -1.73 10.78
SE MSE C 278 8.21 -2.96 9.39
CE MSE C 278 9.36 -4.31 10.21
N ARG C 279 7.00 1.50 11.28
CA ARG C 279 7.42 2.60 12.16
C ARG C 279 6.33 3.69 12.16
N ALA C 280 5.76 3.96 10.98
CA ALA C 280 4.73 4.98 10.89
C ALA C 280 3.49 4.58 11.69
N ASP C 281 3.07 3.33 11.57
CA ASP C 281 1.93 2.85 12.36
C ASP C 281 2.29 2.59 13.81
N GLY C 282 3.57 2.66 14.17
CA GLY C 282 4.03 2.46 15.53
C GLY C 282 4.75 1.13 15.74
N LYS C 283 4.47 0.13 14.91
CA LYS C 283 5.12 -1.16 15.02
C LYS C 283 6.63 -1.00 14.91
N PRO C 284 7.42 -1.57 15.82
CA PRO C 284 8.87 -1.37 15.76
C PRO C 284 9.46 -1.87 14.45
N GLY C 285 10.41 -1.11 13.93
CA GLY C 285 11.08 -1.47 12.70
C GLY C 285 12.52 -1.05 12.75
N MSE C 286 13.33 -1.71 11.92
CA MSE C 286 14.77 -1.40 11.87
C MSE C 286 14.96 0.06 11.51
O MSE C 286 14.29 0.54 10.57
CB MSE C 286 15.49 -2.23 10.80
CG MSE C 286 15.46 -3.72 11.05
SE MSE C 286 16.23 -4.60 9.47
CE MSE C 286 18.00 -3.87 9.12
N SER C 287 15.84 0.74 12.25
CA SER C 287 16.14 2.13 11.95
C SER C 287 16.74 2.25 10.54
N ASP C 288 16.58 3.43 9.96
CA ASP C 288 16.93 3.62 8.56
C ASP C 288 18.39 3.24 8.29
N GLU C 289 19.31 3.73 9.13
CA GLU C 289 20.73 3.49 8.89
C GLU C 289 21.02 1.99 8.83
N GLU C 290 20.60 1.24 9.85
CA GLU C 290 20.65 -0.21 9.82
C GLU C 290 20.23 -0.72 8.44
N VAL C 291 19.02 -0.33 8.05
CA VAL C 291 18.44 -0.74 6.78
C VAL C 291 19.46 -0.58 5.66
N LYS C 292 20.02 0.64 5.54
CA LYS C 292 20.88 0.92 4.39
C LYS C 292 22.11 0.02 4.43
N ASP C 293 22.72 -0.16 5.61
CA ASP C 293 23.84 -1.08 5.72
C ASP C 293 23.45 -2.44 5.17
N PHE C 294 22.31 -2.96 5.64
CA PHE C 294 21.71 -4.18 5.12
C PHE C 294 21.74 -4.17 3.58
N VAL C 295 21.09 -3.18 2.98
CA VAL C 295 20.97 -3.15 1.53
C VAL C 295 22.34 -3.03 0.88
N SER C 296 23.26 -2.32 1.52
CA SER C 296 24.58 -2.12 0.92
C SER C 296 25.39 -3.41 0.86
N ARG C 297 24.86 -4.53 1.35
CA ARG C 297 25.62 -5.77 1.41
C ARG C 297 25.03 -6.85 0.51
N TYR C 298 24.04 -6.51 -0.30
CA TYR C 298 23.62 -7.30 -1.45
C TYR C 298 23.88 -6.61 -2.78
N MSE C 299 23.80 -5.28 -2.80
CA MSE C 299 24.07 -4.46 -3.98
C MSE C 299 25.36 -4.80 -4.75
O MSE C 299 25.37 -4.74 -5.98
CB MSE C 299 24.07 -2.98 -3.61
CG MSE C 299 22.72 -2.42 -3.19
SE MSE C 299 21.36 -2.54 -4.58
CE MSE C 299 22.09 -1.23 -5.81
N PRO C 300 26.46 -5.13 -4.05
CA PRO C 300 27.65 -5.59 -4.77
C PRO C 300 27.35 -6.74 -5.73
N ALA C 301 26.62 -7.76 -5.28
CA ALA C 301 26.23 -8.83 -6.20
C ALA C 301 25.22 -8.33 -7.22
N TYR C 302 24.27 -7.50 -6.80
CA TYR C 302 23.25 -6.98 -7.71
C TYR C 302 23.87 -6.26 -8.90
N LYS C 303 24.87 -5.41 -8.65
CA LYS C 303 25.44 -4.61 -9.72
C LYS C 303 26.28 -5.45 -10.67
N ALA C 304 26.85 -6.56 -10.19
CA ALA C 304 27.67 -7.40 -11.04
C ALA C 304 26.83 -8.40 -11.83
N TYR C 305 25.88 -9.06 -11.16
CA TYR C 305 25.21 -10.22 -11.73
C TYR C 305 23.97 -9.89 -12.57
N LEU C 306 23.12 -8.97 -12.10
CA LEU C 306 21.87 -8.71 -12.79
C LEU C 306 22.01 -8.39 -14.27
N PRO C 307 22.97 -7.57 -14.72
CA PRO C 307 23.15 -7.41 -16.18
C PRO C 307 23.48 -8.70 -16.90
N THR C 308 24.09 -9.68 -16.23
CA THR C 308 24.32 -10.98 -16.84
C THR C 308 23.09 -11.87 -16.72
N LEU C 309 22.43 -11.83 -15.56
CA LEU C 309 21.15 -12.52 -15.42
C LEU C 309 20.14 -12.05 -16.46
N TYR C 310 20.23 -10.79 -16.85
CA TYR C 310 19.23 -10.23 -17.78
C TYR C 310 19.48 -10.66 -19.22
N SER C 311 20.64 -10.29 -19.77
CA SER C 311 20.89 -10.50 -21.20
C SER C 311 20.88 -11.97 -21.59
N GLU C 312 20.98 -12.86 -20.61
CA GLU C 312 21.18 -14.28 -20.86
C GLU C 312 20.13 -15.15 -20.20
N GLY C 313 19.29 -14.61 -19.35
CA GLY C 313 18.40 -15.40 -18.53
C GLY C 313 19.19 -16.20 -17.52
N PRO C 314 18.52 -17.03 -16.75
CA PRO C 314 19.23 -18.07 -16.00
C PRO C 314 19.88 -19.06 -16.95
N SER C 315 20.73 -19.91 -16.39
CA SER C 315 21.47 -20.83 -17.25
C SER C 315 20.72 -22.14 -17.45
N GLY C 316 20.23 -22.75 -16.38
CA GLY C 316 19.42 -23.94 -16.52
C GLY C 316 18.02 -23.58 -16.99
N SER C 317 17.91 -23.13 -18.24
CA SER C 317 16.70 -22.51 -18.73
C SER C 317 16.49 -22.90 -20.19
N ASP C 318 15.47 -22.30 -20.81
CA ASP C 318 15.12 -22.47 -22.21
C ASP C 318 14.20 -21.31 -22.58
N PRO C 319 14.48 -20.60 -23.67
CA PRO C 319 13.75 -19.35 -23.94
C PRO C 319 12.24 -19.49 -24.10
N LYS C 320 11.71 -20.69 -24.33
CA LYS C 320 10.26 -20.88 -24.29
C LYS C 320 9.78 -21.37 -22.93
N HIS C 321 10.64 -21.39 -21.92
CA HIS C 321 10.25 -21.75 -20.56
C HIS C 321 10.58 -20.65 -19.56
N VAL C 322 11.01 -19.47 -20.03
CA VAL C 322 11.36 -18.34 -19.19
C VAL C 322 10.37 -17.21 -19.47
N LEU C 323 9.93 -16.54 -18.41
CA LEU C 323 8.97 -15.44 -18.49
C LEU C 323 9.58 -14.22 -17.85
N LEU C 324 9.88 -13.21 -18.67
CA LEU C 324 10.52 -11.99 -18.19
C LEU C 324 9.47 -10.94 -17.88
N ILE C 325 9.53 -10.37 -16.67
CA ILE C 325 8.57 -9.38 -16.21
C ILE C 325 9.38 -8.17 -15.73
N ASP C 326 9.56 -7.19 -16.61
CA ASP C 326 10.19 -5.93 -16.23
C ASP C 326 9.17 -5.06 -15.52
N ILE C 327 9.42 -4.75 -14.25
CA ILE C 327 8.47 -4.02 -13.43
C ILE C 327 9.02 -2.63 -13.16
N ASP C 328 8.11 -1.73 -12.80
CA ASP C 328 8.44 -0.34 -12.46
C ASP C 328 8.71 -0.22 -10.97
N GLU C 329 8.79 1.02 -10.48
CA GLU C 329 9.04 1.27 -9.07
C GLU C 329 7.85 0.90 -8.20
N GLY C 330 6.66 0.76 -8.78
CA GLY C 330 5.46 0.40 -8.05
C GLY C 330 5.17 -1.08 -7.98
N ARG C 331 6.14 -1.93 -8.31
CA ARG C 331 5.96 -3.39 -8.37
C ARG C 331 4.87 -3.77 -9.38
N ASN C 332 4.87 -3.08 -10.52
CA ASN C 332 3.86 -3.33 -11.54
C ASN C 332 4.55 -3.59 -12.88
N PRO C 333 4.06 -4.54 -13.66
CA PRO C 333 4.71 -4.85 -14.94
C PRO C 333 4.63 -3.67 -15.90
N ILE C 334 5.64 -3.56 -16.76
CA ILE C 334 5.76 -2.48 -17.72
C ILE C 334 5.52 -3.03 -19.13
N LEU C 335 4.84 -2.26 -19.96
CA LEU C 335 4.69 -2.61 -21.38
C LEU C 335 5.96 -2.25 -22.14
N GLY C 336 7.08 -2.80 -21.67
CA GLY C 336 8.38 -2.52 -22.25
C GLY C 336 8.74 -3.43 -23.40
N CYS C 337 7.71 -4.02 -24.02
CA CYS C 337 7.74 -5.05 -25.08
C CYS C 337 7.48 -6.41 -24.45
N SER D 14 -5.18 -4.37 -33.29
CA SER D 14 -6.13 -5.10 -32.45
C SER D 14 -7.24 -4.17 -31.96
N LYS D 15 -7.32 -2.99 -32.57
CA LYS D 15 -8.49 -2.12 -32.36
C LYS D 15 -9.76 -2.83 -32.83
N GLU D 16 -9.72 -3.35 -34.06
CA GLU D 16 -10.87 -4.06 -34.55
C GLU D 16 -10.98 -5.45 -33.94
N ALA D 17 -9.98 -5.93 -33.20
CA ALA D 17 -10.22 -7.08 -32.35
C ALA D 17 -11.27 -6.75 -31.29
N THR D 18 -11.17 -5.55 -30.71
CA THR D 18 -12.20 -5.09 -29.77
C THR D 18 -13.52 -4.82 -30.48
N ARG D 19 -13.47 -4.18 -31.66
CA ARG D 19 -14.69 -4.00 -32.44
C ARG D 19 -15.35 -5.35 -32.72
N LYS D 20 -14.54 -6.36 -33.04
CA LYS D 20 -15.03 -7.66 -33.44
C LYS D 20 -15.62 -8.41 -32.25
N TYR D 21 -15.00 -8.26 -31.08
CA TYR D 21 -15.60 -8.75 -29.84
C TYR D 21 -16.98 -8.14 -29.61
N TYR D 22 -17.07 -6.81 -29.65
CA TYR D 22 -18.34 -6.17 -29.35
C TYR D 22 -19.37 -6.39 -30.45
N LEU D 23 -18.95 -6.78 -31.66
CA LEU D 23 -19.89 -7.13 -32.70
C LEU D 23 -20.39 -8.56 -32.56
N ASP D 24 -19.49 -9.50 -32.26
CA ASP D 24 -19.89 -10.86 -31.97
C ASP D 24 -20.80 -10.91 -30.76
N LEU D 25 -20.66 -9.98 -29.83
CA LEU D 25 -21.52 -9.97 -28.65
C LEU D 25 -22.97 -9.70 -29.05
N PHE D 26 -23.20 -8.71 -29.92
CA PHE D 26 -24.54 -8.50 -30.46
C PHE D 26 -25.00 -9.69 -31.29
N LYS D 27 -24.11 -10.26 -32.10
CA LYS D 27 -24.43 -11.47 -32.87
C LYS D 27 -24.98 -12.55 -31.95
N ARG D 28 -24.35 -12.74 -30.81
CA ARG D 28 -24.67 -13.79 -29.85
C ARG D 28 -25.93 -13.46 -29.06
N ALA D 29 -26.23 -12.18 -28.86
CA ALA D 29 -27.49 -11.80 -28.21
C ALA D 29 -28.68 -11.84 -29.14
N ASP D 30 -28.47 -12.12 -30.44
CA ASP D 30 -29.54 -12.01 -31.44
C ASP D 30 -30.69 -12.98 -31.15
N PHE D 31 -30.40 -14.10 -30.51
CA PHE D 31 -31.39 -15.16 -30.30
C PHE D 31 -31.81 -15.19 -28.83
N THR D 32 -33.12 -15.30 -28.60
CA THR D 32 -33.62 -15.38 -27.22
C THR D 32 -33.11 -16.63 -26.52
N ALA D 33 -32.79 -17.68 -27.29
CA ALA D 33 -32.18 -18.86 -26.68
C ALA D 33 -30.78 -18.57 -26.17
N ASN D 34 -30.04 -17.71 -26.87
CA ASN D 34 -28.69 -17.33 -26.44
C ASN D 34 -28.70 -16.07 -25.57
N LEU D 35 -29.63 -16.02 -24.62
CA LEU D 35 -29.65 -15.03 -23.54
C LEU D 35 -28.82 -15.43 -22.31
N PRO D 36 -28.98 -16.67 -21.77
CA PRO D 36 -28.58 -16.92 -20.37
C PRO D 36 -27.15 -16.58 -19.99
N LYS D 37 -26.16 -17.17 -20.68
CA LYS D 37 -24.77 -17.07 -20.26
C LYS D 37 -24.25 -15.64 -20.37
N LEU D 38 -25.10 -14.74 -20.85
CA LEU D 38 -24.77 -13.33 -21.01
C LEU D 38 -25.32 -12.46 -19.89
N ALA D 39 -26.44 -12.86 -19.29
CA ALA D 39 -27.21 -11.98 -18.40
C ALA D 39 -26.70 -11.93 -16.98
N LYS D 40 -25.85 -12.88 -16.57
CA LYS D 40 -25.21 -12.80 -15.27
C LYS D 40 -24.46 -11.50 -15.11
N LYS D 41 -24.00 -10.94 -16.22
CA LYS D 41 -23.11 -9.80 -16.26
C LYS D 41 -23.73 -8.70 -17.12
N GLY D 42 -23.26 -7.47 -16.91
CA GLY D 42 -23.72 -6.38 -17.75
C GLY D 42 -25.11 -5.90 -17.38
N GLY D 43 -26.01 -6.85 -17.14
CA GLY D 43 -27.37 -6.53 -16.78
C GLY D 43 -28.19 -6.13 -17.98
N PRO D 44 -29.28 -5.39 -17.74
CA PRO D 44 -30.13 -4.94 -18.85
C PRO D 44 -29.44 -3.99 -19.81
N ASP D 45 -28.28 -3.43 -19.45
CA ASP D 45 -27.63 -2.41 -20.25
C ASP D 45 -26.29 -2.85 -20.83
N ARG D 46 -26.06 -4.16 -20.95
CA ARG D 46 -24.78 -4.63 -21.49
C ARG D 46 -24.60 -4.20 -22.94
N LEU D 47 -25.69 -4.08 -23.70
CA LEU D 47 -25.56 -3.66 -25.09
C LEU D 47 -25.34 -2.16 -25.24
N ASN D 48 -26.10 -1.36 -24.50
CA ASN D 48 -25.98 0.09 -24.62
C ASN D 48 -24.55 0.56 -24.39
N ASP D 49 -23.86 -0.05 -23.42
CA ASP D 49 -22.45 0.26 -23.19
C ASP D 49 -21.60 -0.10 -24.40
N ALA D 50 -21.86 -1.27 -24.99
CA ALA D 50 -21.18 -1.66 -26.21
C ALA D 50 -21.48 -0.70 -27.35
N LEU D 51 -22.72 -0.22 -27.42
CA LEU D 51 -23.10 0.76 -28.43
C LEU D 51 -22.32 2.06 -28.25
N LYS D 52 -22.14 2.50 -27.01
CA LYS D 52 -21.34 3.70 -26.74
C LYS D 52 -19.90 3.50 -27.18
N LYS D 53 -19.28 2.39 -26.75
CA LYS D 53 -17.90 2.13 -27.15
C LYS D 53 -17.76 2.01 -28.66
N LEU D 54 -18.79 1.51 -29.33
CA LEU D 54 -18.72 1.31 -30.77
C LEU D 54 -18.88 2.62 -31.53
N ARG D 55 -19.72 3.53 -31.05
CA ARG D 55 -19.72 4.87 -31.61
C ARG D 55 -18.38 5.56 -31.37
N LYS D 56 -17.77 5.30 -30.21
CA LYS D 56 -16.44 5.83 -29.95
C LYS D 56 -15.43 5.31 -30.97
N ALA D 57 -15.50 4.02 -31.29
CA ALA D 57 -14.56 3.44 -32.26
C ALA D 57 -14.76 4.03 -33.65
N GLY D 58 -16.00 4.11 -34.11
CA GLY D 58 -16.30 4.56 -35.45
C GLY D 58 -17.39 3.71 -36.07
N ILE D 59 -18.46 4.34 -36.54
CA ILE D 59 -19.68 3.64 -36.89
C ILE D 59 -20.36 4.34 -38.06
N SER D 60 -21.28 3.61 -38.70
CA SER D 60 -22.26 4.19 -39.59
C SER D 60 -23.56 4.35 -38.80
N GLU D 61 -24.10 5.57 -38.79
CA GLU D 61 -25.26 5.82 -37.94
C GLU D 61 -26.50 5.06 -38.40
N GLU D 62 -26.49 4.51 -39.62
CA GLU D 62 -27.48 3.50 -39.97
C GLU D 62 -27.37 2.31 -39.03
N LYS D 63 -26.16 1.76 -38.92
CA LYS D 63 -25.90 0.68 -37.98
C LYS D 63 -26.07 1.16 -36.54
N PHE D 64 -25.79 2.43 -36.26
CA PHE D 64 -26.01 2.94 -34.91
C PHE D 64 -27.49 2.89 -34.54
N ALA D 65 -28.36 3.29 -35.45
CA ALA D 65 -29.80 3.21 -35.18
C ALA D 65 -30.26 1.76 -35.02
N GLU D 66 -29.81 0.88 -35.93
CA GLU D 66 -30.20 -0.52 -35.81
C GLU D 66 -29.71 -1.12 -34.50
N LEU D 67 -28.47 -0.82 -34.12
CA LEU D 67 -27.88 -1.36 -32.90
C LEU D 67 -28.54 -0.77 -31.65
N LYS D 68 -28.96 0.49 -31.69
CA LYS D 68 -29.66 1.07 -30.55
C LYS D 68 -31.03 0.44 -30.37
N GLY D 69 -31.73 0.20 -31.48
CA GLY D 69 -32.96 -0.57 -31.40
C GLY D 69 -32.73 -1.93 -30.77
N ALA D 70 -31.66 -2.62 -31.20
CA ALA D 70 -31.32 -3.91 -30.62
C ALA D 70 -30.99 -3.79 -29.14
N ALA D 71 -30.33 -2.70 -28.74
CA ALA D 71 -29.94 -2.52 -27.35
C ALA D 71 -31.15 -2.36 -26.44
N ALA D 72 -32.09 -1.49 -26.83
CA ALA D 72 -33.33 -1.36 -26.07
C ALA D 72 -34.12 -2.67 -26.07
N LYS D 73 -34.13 -3.37 -27.22
CA LYS D 73 -34.84 -4.64 -27.31
C LYS D 73 -34.26 -5.66 -26.34
N TYR D 74 -32.93 -5.76 -26.26
CA TYR D 74 -32.35 -6.72 -25.33
C TYR D 74 -32.48 -6.28 -23.88
N ALA D 75 -32.51 -4.97 -23.62
CA ALA D 75 -32.84 -4.51 -22.27
C ALA D 75 -34.20 -5.06 -21.85
N ASP D 76 -35.20 -4.92 -22.74
CA ASP D 76 -36.52 -5.44 -22.44
C ASP D 76 -36.51 -6.97 -22.33
N ASP D 77 -35.78 -7.64 -23.21
CA ASP D 77 -35.71 -9.10 -23.19
C ASP D 77 -35.10 -9.60 -21.88
N TRP D 78 -34.02 -8.96 -21.44
CA TRP D 78 -33.40 -9.26 -20.16
C TRP D 78 -34.38 -9.04 -19.01
N TYR D 79 -35.09 -7.92 -19.03
CA TYR D 79 -36.03 -7.60 -17.96
C TYR D 79 -37.14 -8.65 -17.89
N ARG D 80 -37.62 -9.11 -19.04
CA ARG D 80 -38.74 -10.05 -19.06
C ARG D 80 -38.38 -11.41 -18.46
N ILE D 81 -37.10 -11.69 -18.23
CA ILE D 81 -36.69 -12.98 -17.71
C ILE D 81 -35.92 -12.90 -16.39
N TYR D 82 -35.32 -11.75 -16.03
CA TYR D 82 -34.66 -11.60 -14.73
C TYR D 82 -35.10 -10.38 -13.93
N GLY D 83 -36.06 -9.60 -14.41
CA GLY D 83 -36.35 -8.31 -13.82
C GLY D 83 -37.02 -8.31 -12.46
N LYS D 84 -37.61 -7.17 -12.10
CA LYS D 84 -38.31 -6.97 -10.84
C LYS D 84 -39.49 -7.95 -10.69
#